data_6J7M
#
_entry.id   6J7M
#
_cell.length_a   223.452
_cell.length_b   56.736
_cell.length_c   132.419
_cell.angle_alpha   90.000
_cell.angle_beta   125.030
_cell.angle_gamma   90.000
#
_symmetry.space_group_name_H-M   'C 1 2 1'
#
loop_
_entity.id
_entity.type
_entity.pdbx_description
1 polymer Earp
2 polymer 'Elongation factor P'
3 non-polymer "THYMIDINE-5'-DIPHOSPHATE"
4 non-polymer GLYCEROL
5 water water
#
loop_
_entity_poly.entity_id
_entity_poly.type
_entity_poly.pdbx_seq_one_letter_code
_entity_poly.pdbx_strand_id
1 'polypeptide(L)'
;GSSHHHHHHSSGENLYFQHMASWDIFCSVVDNYGDIGVTWRLARQLAAEHGQAVRLWVDEPQAFARICPRADPVAHVQCL
DGVEVRAWGRPWAPVAAADVVIEAFACELPEAHRQAMRERKRPSLWLNLEYLSAEEWIGSCHALPSLQACGLSKYFFFPG
FREPSGGLLREAGLLERRRRFQASVSAQDEFLASLGVRRKVGERLISLFAYENPALPGWLEQLRDARQPSLLLVPEGRVL
ADVADWLRVATLAVGDVHVRDALRVQVLPFMAQDDYDRLLWCCDLNAVRGEDSFVRAQWAGRPLLWHIYRQEEETHLAKL
EAFLELYCAGLPADLAENLRTFWLAWNAGGGLAGAWEGLERQLPEWRREAQRWADEQGMRPDLAARLVQFYADWL
;
A,C
2 'polypeptide(L)'
;GSSHHHHHHSSGENLYFQH(MSE)KTAQEFRAGQVANINGAPWVIQKAEFNKSGRNAAVVK(MSE)KLKNLLTGAGTETV
FKADDKLEPIILDRKEVTYSYFADPLYVF(MSE)DSEFNQYEIEKDDLEGVLTFIEDG(MSE)TDICEAVFYNDKVISVE
LPTTIVRQIAYTEPAVRGDTSGKV(MSE)KTARLNNGAELQVSAFCEIGDSIEIDTRTGEYKSRVKA
;
M,N
#
loop_
_chem_comp.id
_chem_comp.type
_chem_comp.name
_chem_comp.formula
GOL non-polymer GLYCEROL 'C3 H8 O3'
TYD non-polymer THYMIDINE-5'-DIPHOSPHATE 'C10 H16 N2 O11 P2'
#
# COMPACT_ATOMS: atom_id res chain seq x y z
N HIS A 19 -11.13 -24.95 -8.11
CA HIS A 19 -12.15 -23.91 -8.27
C HIS A 19 -11.69 -22.58 -7.66
N MET A 20 -12.16 -21.48 -8.23
CA MET A 20 -11.81 -20.15 -7.75
C MET A 20 -12.88 -19.70 -6.75
N ALA A 21 -12.50 -19.67 -5.46
CA ALA A 21 -13.38 -19.20 -4.40
C ALA A 21 -12.89 -17.84 -3.91
N SER A 22 -13.83 -17.05 -3.40
CA SER A 22 -13.52 -15.72 -2.88
C SER A 22 -13.24 -15.80 -1.38
N TRP A 23 -12.27 -15.02 -0.92
CA TRP A 23 -11.82 -15.03 0.47
C TRP A 23 -11.80 -13.60 0.99
N ASP A 24 -12.56 -13.35 2.06
CA ASP A 24 -12.46 -12.11 2.81
C ASP A 24 -11.46 -12.30 3.95
N ILE A 25 -10.50 -11.38 4.07
CA ILE A 25 -9.51 -11.40 5.14
C ILE A 25 -9.57 -10.06 5.84
N PHE A 26 -10.06 -10.05 7.07
CA PHE A 26 -10.19 -8.84 7.87
C PHE A 26 -8.97 -8.71 8.78
N CYS A 27 -8.26 -7.60 8.65
CA CYS A 27 -7.02 -7.35 9.39
C CYS A 27 -7.20 -6.09 10.22
N SER A 28 -7.21 -6.24 11.54
CA SER A 28 -7.27 -5.12 12.46
C SER A 28 -5.86 -4.84 12.96
N VAL A 29 -5.31 -3.68 12.58
CA VAL A 29 -3.98 -3.30 13.01
C VAL A 29 -4.06 -2.77 14.44
N VAL A 30 -3.81 -3.64 15.41
CA VAL A 30 -3.83 -3.20 16.81
C VAL A 30 -2.61 -2.33 17.09
N ASP A 31 -1.42 -2.86 16.81
CA ASP A 31 -0.18 -2.08 16.88
C ASP A 31 0.87 -2.80 16.04
N ASN A 32 1.95 -2.08 15.75
CA ASN A 32 3.10 -2.63 15.01
C ASN A 32 2.63 -3.05 13.61
N TYR A 33 3.24 -4.07 13.02
CA TYR A 33 2.97 -4.43 11.64
C TYR A 33 2.66 -5.91 11.42
N GLY A 34 2.69 -6.73 12.47
CA GLY A 34 2.47 -8.15 12.27
C GLY A 34 1.05 -8.52 11.86
N ASP A 35 0.08 -7.70 12.23
CA ASP A 35 -1.30 -7.96 11.81
C ASP A 35 -1.43 -7.89 10.29
N ILE A 36 -0.96 -6.79 9.70
CA ILE A 36 -1.04 -6.66 8.24
C ILE A 36 0.05 -7.49 7.56
N GLY A 37 1.18 -7.72 8.23
CA GLY A 37 2.23 -8.53 7.64
C GLY A 37 1.78 -9.94 7.34
N VAL A 38 1.10 -10.57 8.30
CA VAL A 38 0.66 -11.95 8.13
C VAL A 38 -0.48 -12.03 7.12
N THR A 39 -1.48 -11.15 7.25
CA THR A 39 -2.64 -11.23 6.36
C THR A 39 -2.25 -10.88 4.92
N TRP A 40 -1.34 -9.93 4.73
CA TRP A 40 -0.88 -9.61 3.38
C TRP A 40 -0.09 -10.77 2.79
N ARG A 41 0.78 -11.39 3.58
CA ARG A 41 1.51 -12.57 3.11
C ARG A 41 0.55 -13.70 2.76
N LEU A 42 -0.48 -13.92 3.58
CA LEU A 42 -1.46 -14.96 3.29
C LEU A 42 -2.29 -14.61 2.07
N ALA A 43 -2.81 -13.38 2.01
CA ALA A 43 -3.62 -12.97 0.88
C ALA A 43 -2.86 -13.10 -0.44
N ARG A 44 -1.60 -12.67 -0.46
CA ARG A 44 -0.80 -12.73 -1.67
C ARG A 44 -0.62 -14.17 -2.14
N GLN A 45 -0.45 -15.09 -1.18
CA GLN A 45 -0.20 -16.49 -1.51
C GLN A 45 -1.45 -17.21 -2.01
N LEU A 46 -2.62 -16.86 -1.47
CA LEU A 46 -3.86 -17.49 -1.96
C LEU A 46 -4.17 -17.09 -3.39
N ALA A 47 -3.77 -15.87 -3.78
CA ALA A 47 -4.02 -15.42 -5.14
C ALA A 47 -2.99 -15.97 -6.13
N ALA A 48 -1.73 -16.02 -5.71
CA ALA A 48 -0.66 -16.36 -6.65
C ALA A 48 -0.62 -17.85 -6.95
N GLU A 49 -0.46 -18.68 -5.92
CA GLU A 49 -0.24 -20.11 -6.13
C GLU A 49 -1.47 -20.95 -5.84
N HIS A 50 -2.65 -20.32 -5.67
CA HIS A 50 -3.90 -21.06 -5.55
C HIS A 50 -5.01 -20.49 -6.42
N GLY A 51 -4.78 -19.38 -7.12
CA GLY A 51 -5.78 -18.83 -8.02
C GLY A 51 -7.08 -18.40 -7.34
N GLN A 52 -7.01 -17.98 -6.09
CA GLN A 52 -8.20 -17.56 -5.36
C GLN A 52 -8.39 -16.05 -5.47
N ALA A 53 -9.65 -15.63 -5.35
CA ALA A 53 -9.99 -14.21 -5.27
C ALA A 53 -9.97 -13.78 -3.81
N VAL A 54 -9.25 -12.71 -3.51
CA VAL A 54 -8.99 -12.31 -2.13
C VAL A 54 -9.33 -10.84 -1.95
N ARG A 55 -10.03 -10.52 -0.86
CA ARG A 55 -10.29 -9.15 -0.45
C ARG A 55 -9.67 -8.95 0.93
N LEU A 56 -8.62 -8.14 0.98
CA LEU A 56 -7.91 -7.85 2.22
C LEU A 56 -8.44 -6.53 2.80
N TRP A 57 -9.14 -6.62 3.92
CA TRP A 57 -9.67 -5.45 4.61
C TRP A 57 -8.71 -5.08 5.74
N VAL A 58 -8.19 -3.85 5.69
CA VAL A 58 -7.25 -3.36 6.69
C VAL A 58 -7.69 -1.98 7.15
N ASP A 59 -7.78 -1.80 8.46
CA ASP A 59 -8.30 -0.56 9.04
C ASP A 59 -7.24 0.50 9.25
N GLU A 60 -5.97 0.19 9.02
CA GLU A 60 -4.88 1.17 9.10
C GLU A 60 -4.06 1.08 7.81
N PRO A 61 -4.53 1.74 6.74
CA PRO A 61 -3.81 1.65 5.46
C PRO A 61 -2.40 2.20 5.50
N GLN A 62 -2.07 3.07 6.47
CA GLN A 62 -0.70 3.57 6.57
C GLN A 62 0.27 2.45 6.94
N ALA A 63 -0.17 1.50 7.75
CA ALA A 63 0.70 0.37 8.11
C ALA A 63 0.93 -0.55 6.91
N PHE A 64 -0.08 -0.76 6.09
CA PHE A 64 0.10 -1.57 4.89
C PHE A 64 1.07 -0.90 3.92
N ALA A 65 1.02 0.42 3.82
CA ALA A 65 1.93 1.12 2.91
C ALA A 65 3.38 1.01 3.38
N ARG A 66 3.60 0.82 4.68
CA ARG A 66 4.96 0.69 5.19
C ARG A 66 5.61 -0.60 4.69
N ILE A 67 4.88 -1.72 4.71
CA ILE A 67 5.43 -3.00 4.27
C ILE A 67 5.20 -3.24 2.78
N CYS A 68 4.48 -2.36 2.09
CA CYS A 68 4.28 -2.47 0.65
C CYS A 68 4.45 -1.09 0.04
N PRO A 69 5.66 -0.77 -0.44
CA PRO A 69 5.90 0.59 -0.95
C PRO A 69 5.08 0.95 -2.18
N ARG A 70 4.65 -0.04 -2.97
CA ARG A 70 3.81 0.25 -4.13
C ARG A 70 2.39 0.65 -3.75
N ALA A 71 2.00 0.47 -2.50
CA ALA A 71 0.63 0.73 -2.07
C ALA A 71 0.36 2.21 -1.95
N ASP A 72 -0.88 2.59 -2.27
CA ASP A 72 -1.34 3.96 -2.05
C ASP A 72 -2.04 4.00 -0.69
N PRO A 73 -1.48 4.68 0.31
CA PRO A 73 -2.08 4.64 1.65
C PRO A 73 -3.41 5.39 1.75
N VAL A 74 -3.82 6.12 0.73
CA VAL A 74 -5.05 6.91 0.78
C VAL A 74 -6.15 6.33 -0.10
N ALA A 75 -5.87 5.33 -0.93
CA ALA A 75 -6.87 4.77 -1.82
C ALA A 75 -7.81 3.84 -1.06
N HIS A 76 -9.11 3.97 -1.34
CA HIS A 76 -10.09 3.11 -0.70
C HIS A 76 -9.94 1.65 -1.12
N VAL A 77 -9.51 1.41 -2.36
CA VAL A 77 -9.32 0.05 -2.85
C VAL A 77 -8.26 0.08 -3.96
N GLN A 78 -7.41 -0.95 -3.97
CA GLN A 78 -6.37 -1.08 -4.96
C GLN A 78 -6.04 -2.55 -5.17
N CYS A 79 -5.57 -2.87 -6.37
CA CYS A 79 -5.20 -4.23 -6.73
C CYS A 79 -3.68 -4.36 -6.74
N LEU A 80 -3.15 -5.19 -5.85
CA LEU A 80 -1.72 -5.41 -5.72
C LEU A 80 -1.44 -6.90 -5.69
N ASP A 81 -0.70 -7.39 -6.69
CA ASP A 81 -0.31 -8.80 -6.78
C ASP A 81 -1.54 -9.72 -6.79
N GLY A 82 -2.56 -9.34 -7.54
CA GLY A 82 -3.76 -10.13 -7.65
C GLY A 82 -4.67 -10.09 -6.43
N VAL A 83 -4.36 -9.23 -5.47
CA VAL A 83 -5.14 -9.09 -4.23
C VAL A 83 -5.89 -7.77 -4.28
N GLU A 84 -7.16 -7.81 -3.85
CA GLU A 84 -7.96 -6.59 -3.72
C GLU A 84 -7.83 -6.09 -2.28
N VAL A 85 -7.12 -4.99 -2.10
CA VAL A 85 -6.89 -4.41 -0.78
C VAL A 85 -7.87 -3.28 -0.57
N ARG A 86 -8.72 -3.41 0.44
CA ARG A 86 -9.75 -2.44 0.75
C ARG A 86 -9.52 -1.84 2.13
N ALA A 87 -9.77 -0.55 2.26
CA ALA A 87 -9.72 0.10 3.56
C ALA A 87 -10.93 -0.32 4.39
N TRP A 88 -10.67 -0.73 5.64
CA TRP A 88 -11.73 -1.11 6.57
C TRP A 88 -12.25 0.17 7.21
N GLY A 89 -13.30 0.73 6.61
CA GLY A 89 -13.79 2.03 7.05
C GLY A 89 -14.72 1.95 8.25
N ARG A 90 -14.88 3.10 8.90
CA ARG A 90 -15.80 3.25 10.01
C ARG A 90 -16.61 4.52 9.75
N PRO A 91 -17.95 4.43 9.58
CA PRO A 91 -18.75 3.20 9.70
C PRO A 91 -18.56 2.23 8.53
N TRP A 92 -18.96 0.97 8.75
CA TRP A 92 -18.80 -0.07 7.75
C TRP A 92 -19.89 0.02 6.69
N ALA A 93 -19.48 -0.09 5.42
CA ALA A 93 -20.42 -0.13 4.31
C ALA A 93 -20.78 -1.57 4.00
N PRO A 94 -22.06 -1.95 4.06
CA PRO A 94 -22.43 -3.34 3.80
C PRO A 94 -22.14 -3.74 2.37
N VAL A 95 -21.52 -4.92 2.20
CA VAL A 95 -21.26 -5.52 0.91
C VAL A 95 -21.56 -7.02 1.00
N ALA A 96 -21.57 -7.67 -0.15
CA ALA A 96 -21.75 -9.12 -0.18
C ALA A 96 -20.54 -9.83 0.42
N ALA A 97 -20.79 -10.97 1.05
CA ALA A 97 -19.74 -11.73 1.72
C ALA A 97 -19.14 -12.75 0.77
N ALA A 98 -17.86 -13.05 0.99
CA ALA A 98 -17.12 -13.99 0.17
C ALA A 98 -17.39 -15.42 0.61
N ASP A 99 -16.88 -16.37 -0.18
CA ASP A 99 -17.09 -17.78 0.14
C ASP A 99 -16.43 -18.16 1.47
N VAL A 100 -15.29 -17.54 1.78
CA VAL A 100 -14.61 -17.73 3.06
C VAL A 100 -14.36 -16.37 3.68
N VAL A 101 -14.63 -16.26 4.98
CA VAL A 101 -14.40 -15.04 5.73
C VAL A 101 -13.43 -15.36 6.86
N ILE A 102 -12.30 -14.66 6.88
CA ILE A 102 -11.26 -14.88 7.89
C ILE A 102 -11.15 -13.62 8.74
N GLU A 103 -11.43 -13.77 10.03
CA GLU A 103 -11.09 -12.74 11.01
C GLU A 103 -9.73 -13.10 11.60
N ALA A 104 -8.71 -12.31 11.25
CA ALA A 104 -7.36 -12.63 11.69
C ALA A 104 -7.13 -12.12 13.11
N PHE A 105 -6.41 -12.91 13.90
CA PHE A 105 -5.99 -12.54 15.25
C PHE A 105 -7.20 -12.24 16.14
N ALA A 106 -8.29 -12.99 15.93
CA ALA A 106 -9.48 -12.95 16.77
C ALA A 106 -10.15 -11.57 16.77
N CYS A 107 -10.01 -10.82 15.67
CA CYS A 107 -10.66 -9.52 15.59
C CYS A 107 -12.17 -9.68 15.38
N GLU A 108 -12.89 -8.60 15.58
CA GLU A 108 -14.35 -8.59 15.54
C GLU A 108 -14.81 -8.16 14.14
N LEU A 109 -15.61 -9.02 13.50
CA LEU A 109 -16.15 -8.70 12.19
C LEU A 109 -17.23 -7.63 12.29
N PRO A 110 -17.46 -6.88 11.22
CA PRO A 110 -18.63 -5.99 11.19
C PRO A 110 -19.91 -6.80 11.31
N GLU A 111 -20.87 -6.24 12.07
CA GLU A 111 -22.13 -6.95 12.28
C GLU A 111 -22.88 -7.17 10.97
N ALA A 112 -22.88 -6.17 10.09
CA ALA A 112 -23.59 -6.31 8.82
C ALA A 112 -22.91 -7.34 7.91
N HIS A 113 -21.61 -7.55 8.07
CA HIS A 113 -20.93 -8.54 7.23
C HIS A 113 -21.25 -9.95 7.68
N ARG A 114 -21.48 -10.17 8.98
CA ARG A 114 -21.93 -11.48 9.44
C ARG A 114 -23.31 -11.81 8.90
N GLN A 115 -24.17 -10.80 8.71
CA GLN A 115 -25.46 -11.05 8.10
C GLN A 115 -25.34 -11.33 6.61
N ALA A 116 -24.37 -10.72 5.94
CA ALA A 116 -24.13 -11.05 4.54
C ALA A 116 -23.60 -12.45 4.38
N MET A 117 -22.95 -12.99 5.42
CA MET A 117 -22.44 -14.36 5.37
C MET A 117 -23.56 -15.39 5.42
N ARG A 118 -24.73 -15.04 5.97
CA ARG A 118 -25.86 -15.95 6.04
C ARG A 118 -26.77 -15.89 4.83
N GLU A 119 -26.78 -14.77 4.11
CA GLU A 119 -27.67 -14.59 2.97
C GLU A 119 -26.99 -15.06 1.68
N ARG A 120 -26.62 -16.34 1.69
CA ARG A 120 -25.97 -16.98 0.56
C ARG A 120 -26.51 -18.40 0.42
N LYS A 121 -26.47 -18.93 -0.80
CA LYS A 121 -26.88 -20.32 -1.01
C LYS A 121 -26.07 -21.26 -0.13
N ARG A 122 -24.78 -21.02 -0.01
CA ARG A 122 -23.93 -21.73 0.95
C ARG A 122 -23.32 -20.69 1.88
N PRO A 123 -23.74 -20.65 3.15
CA PRO A 123 -23.21 -19.65 4.08
C PRO A 123 -21.68 -19.68 4.12
N SER A 124 -21.09 -18.50 4.31
CA SER A 124 -19.65 -18.37 4.26
C SER A 124 -18.97 -19.25 5.30
N LEU A 125 -17.88 -19.90 4.91
CA LEU A 125 -17.00 -20.53 5.88
C LEU A 125 -16.33 -19.46 6.72
N TRP A 126 -16.46 -19.57 8.04
CA TRP A 126 -15.99 -18.57 8.98
C TRP A 126 -14.77 -19.12 9.70
N LEU A 127 -13.64 -18.42 9.59
CA LEU A 127 -12.39 -18.85 10.19
C LEU A 127 -11.80 -17.74 11.05
N ASN A 128 -11.29 -18.12 12.21
CA ASN A 128 -10.53 -17.24 13.08
C ASN A 128 -9.07 -17.71 13.02
N LEU A 129 -8.25 -16.98 12.28
CA LEU A 129 -6.81 -17.27 12.21
C LEU A 129 -6.17 -16.71 13.48
N GLU A 130 -5.82 -17.60 14.40
CA GLU A 130 -5.33 -17.20 15.71
C GLU A 130 -3.86 -16.81 15.66
N TYR A 131 -3.37 -16.32 16.79
CA TYR A 131 -1.97 -15.96 16.93
C TYR A 131 -1.09 -17.21 16.88
N LEU A 132 0.19 -16.99 16.60
CA LEU A 132 1.16 -18.07 16.53
C LEU A 132 1.76 -18.32 17.91
N SER A 133 1.82 -19.60 18.31
CA SER A 133 2.40 -19.98 19.58
C SER A 133 2.91 -21.40 19.48
N ALA A 134 4.03 -21.66 20.17
CA ALA A 134 4.59 -23.00 20.24
C ALA A 134 4.08 -23.80 21.43
N GLU A 135 3.15 -23.25 22.21
CA GLU A 135 2.58 -23.96 23.33
C GLU A 135 1.78 -25.16 22.85
N GLU A 136 1.70 -26.18 23.71
CA GLU A 136 1.04 -27.42 23.31
C GLU A 136 -0.47 -27.29 23.25
N TRP A 137 -1.05 -26.30 23.95
CA TRP A 137 -2.51 -26.23 24.03
C TRP A 137 -3.15 -25.89 22.70
N ILE A 138 -2.43 -25.19 21.81
CA ILE A 138 -3.03 -24.81 20.53
C ILE A 138 -3.33 -26.02 19.66
N GLY A 139 -2.63 -27.14 19.88
CA GLY A 139 -2.87 -28.32 19.07
C GLY A 139 -4.25 -28.91 19.31
N SER A 140 -4.70 -28.92 20.58
CA SER A 140 -6.02 -29.45 20.89
C SER A 140 -7.13 -28.51 20.43
N CYS A 141 -6.83 -27.25 20.17
CA CYS A 141 -7.84 -26.29 19.75
C CYS A 141 -7.89 -26.08 18.24
N HIS A 142 -6.85 -26.49 17.52
CA HIS A 142 -6.80 -26.25 16.09
C HIS A 142 -7.89 -27.03 15.36
N ALA A 143 -8.51 -26.38 14.38
CA ALA A 143 -9.55 -26.93 13.53
C ALA A 143 -10.82 -27.28 14.30
N LEU A 144 -10.94 -26.87 15.57
CA LEU A 144 -12.16 -27.12 16.31
C LEU A 144 -13.25 -26.14 15.91
N PRO A 145 -14.51 -26.56 15.94
CA PRO A 145 -15.59 -25.64 15.58
C PRO A 145 -15.85 -24.62 16.69
N SER A 146 -16.46 -23.51 16.29
CA SER A 146 -16.92 -22.47 17.20
C SER A 146 -18.42 -22.38 16.98
N LEU A 147 -19.19 -23.15 17.75
CA LEU A 147 -20.62 -23.26 17.53
C LEU A 147 -21.29 -21.91 17.73
N GLN A 148 -21.91 -21.40 16.67
CA GLN A 148 -22.58 -20.11 16.69
C GLN A 148 -24.07 -20.29 16.96
N ALA A 149 -24.66 -19.29 17.63
CA ALA A 149 -26.09 -19.33 17.91
C ALA A 149 -26.92 -19.19 16.64
N CYS A 150 -26.35 -18.66 15.57
CA CYS A 150 -27.06 -18.41 14.32
C CYS A 150 -26.92 -19.56 13.32
N GLY A 151 -26.01 -20.50 13.55
CA GLY A 151 -25.80 -21.60 12.64
C GLY A 151 -24.64 -21.43 11.68
N LEU A 152 -23.94 -20.30 11.73
CA LEU A 152 -22.79 -20.11 10.86
C LEU A 152 -21.68 -21.08 11.22
N SER A 153 -21.07 -21.66 10.19
CA SER A 153 -20.01 -22.65 10.38
C SER A 153 -18.70 -21.91 10.63
N LYS A 154 -18.28 -21.86 11.90
CA LYS A 154 -17.07 -21.16 12.30
C LYS A 154 -16.08 -22.14 12.91
N TYR A 155 -14.81 -21.97 12.56
CA TYR A 155 -13.72 -22.77 13.10
C TYR A 155 -12.55 -21.87 13.44
N PHE A 156 -11.73 -22.30 14.40
CA PHE A 156 -10.49 -21.62 14.72
C PHE A 156 -9.34 -22.31 13.99
N PHE A 157 -8.43 -21.51 13.45
CA PHE A 157 -7.28 -22.01 12.71
C PHE A 157 -6.02 -21.50 13.41
N PHE A 158 -5.24 -22.42 13.97
CA PHE A 158 -4.05 -22.06 14.74
C PHE A 158 -2.80 -22.36 13.93
N PRO A 159 -1.98 -21.37 13.60
CA PRO A 159 -0.62 -21.65 13.12
C PRO A 159 0.17 -22.34 14.22
N GLY A 160 1.15 -23.14 13.81
CA GLY A 160 1.91 -23.88 14.80
C GLY A 160 3.20 -24.45 14.22
N PHE A 161 4.12 -24.76 15.13
CA PHE A 161 5.41 -25.33 14.76
C PHE A 161 5.42 -26.85 14.81
N ARG A 162 4.39 -27.47 15.38
CA ARG A 162 4.32 -28.92 15.52
C ARG A 162 2.92 -29.39 15.15
N GLU A 163 2.75 -30.72 15.08
CA GLU A 163 1.43 -31.22 14.75
C GLU A 163 0.70 -31.68 16.01
N PRO A 164 -0.63 -31.53 16.07
CA PRO A 164 -1.46 -30.93 15.02
C PRO A 164 -1.55 -29.41 15.13
N SER A 165 -1.61 -28.73 13.98
CA SER A 165 -1.78 -27.28 13.91
C SER A 165 -1.99 -26.91 12.45
N GLY A 166 -2.15 -25.62 12.20
CA GLY A 166 -2.29 -25.13 10.84
C GLY A 166 -1.00 -24.90 10.09
N GLY A 167 0.14 -25.27 10.67
CA GLY A 167 1.41 -25.07 10.02
C GLY A 167 1.88 -23.62 10.08
N LEU A 168 2.73 -23.27 9.12
CA LEU A 168 3.29 -21.93 9.02
C LEU A 168 3.17 -21.44 7.59
N LEU A 169 3.15 -20.11 7.43
CA LEU A 169 3.12 -19.51 6.10
C LEU A 169 4.48 -19.69 5.43
N ARG A 170 4.48 -20.30 4.25
CA ARG A 170 5.71 -20.52 3.49
C ARG A 170 5.37 -20.54 2.01
N GLU A 171 5.96 -19.62 1.24
CA GLU A 171 5.67 -19.55 -0.17
C GLU A 171 6.28 -20.73 -0.92
N ALA A 172 5.68 -21.06 -2.06
CA ALA A 172 6.17 -22.17 -2.87
C ALA A 172 7.58 -21.89 -3.37
N GLY A 173 8.49 -22.81 -3.10
CA GLY A 173 9.86 -22.65 -3.53
C GLY A 173 10.67 -21.66 -2.71
N LEU A 174 10.21 -21.32 -1.51
CA LEU A 174 10.91 -20.33 -0.70
C LEU A 174 12.29 -20.82 -0.29
N LEU A 175 12.37 -22.04 0.28
CA LEU A 175 13.64 -22.55 0.74
C LEU A 175 14.60 -22.84 -0.41
N GLU A 176 14.07 -23.26 -1.56
CA GLU A 176 14.92 -23.46 -2.74
C GLU A 176 15.55 -22.15 -3.16
N ARG A 177 14.78 -21.06 -3.17
CA ARG A 177 15.33 -19.76 -3.53
C ARG A 177 16.29 -19.24 -2.47
N ARG A 178 16.05 -19.58 -1.19
CA ARG A 178 16.95 -19.16 -0.13
C ARG A 178 18.29 -19.89 -0.22
N ARG A 179 18.27 -21.17 -0.61
CA ARG A 179 19.51 -21.92 -0.73
C ARG A 179 20.35 -21.42 -1.91
N ARG A 180 19.70 -21.14 -3.05
CA ARG A 180 20.42 -20.59 -4.20
C ARG A 180 20.97 -19.20 -3.90
N PHE A 181 20.24 -18.40 -3.11
CA PHE A 181 20.68 -17.05 -2.79
C PHE A 181 21.90 -17.08 -1.86
N GLN A 182 21.83 -17.88 -0.79
CA GLN A 182 22.93 -17.92 0.17
C GLN A 182 24.19 -18.56 -0.39
N ALA A 183 24.05 -19.40 -1.42
CA ALA A 183 25.21 -20.03 -2.05
C ALA A 183 25.81 -19.19 -3.17
N SER A 184 25.28 -17.99 -3.41
CA SER A 184 25.77 -17.09 -4.44
C SER A 184 26.29 -15.82 -3.77
N VAL A 185 27.61 -15.62 -3.83
CA VAL A 185 28.21 -14.42 -3.27
C VAL A 185 27.77 -13.19 -4.04
N SER A 186 27.70 -13.30 -5.37
CA SER A 186 27.31 -12.16 -6.19
C SER A 186 25.87 -11.73 -5.91
N ALA A 187 24.96 -12.70 -5.75
CA ALA A 187 23.56 -12.37 -5.49
C ALA A 187 23.41 -11.64 -4.16
N GLN A 188 24.22 -12.00 -3.16
CA GLN A 188 24.13 -11.33 -1.86
C GLN A 188 24.70 -9.92 -1.93
N ASP A 189 25.83 -9.75 -2.61
CA ASP A 189 26.42 -8.42 -2.74
C ASP A 189 25.56 -7.49 -3.57
N GLU A 190 24.87 -8.02 -4.59
CA GLU A 190 24.03 -7.16 -5.44
C GLU A 190 22.82 -6.65 -4.67
N PHE A 191 22.20 -7.50 -3.86
CA PHE A 191 21.05 -7.05 -3.08
C PHE A 191 21.47 -6.04 -2.03
N LEU A 192 22.55 -6.32 -1.28
CA LEU A 192 23.03 -5.37 -0.29
C LEU A 192 23.41 -4.04 -0.93
N ALA A 193 23.93 -4.08 -2.16
CA ALA A 193 24.25 -2.84 -2.87
C ALA A 193 23.00 -2.04 -3.23
N SER A 194 21.86 -2.72 -3.41
CA SER A 194 20.62 -2.01 -3.69
C SER A 194 20.15 -1.22 -2.46
N LEU A 195 20.54 -1.65 -1.27
CA LEU A 195 20.25 -0.92 -0.04
C LEU A 195 21.35 0.05 0.33
N GLY A 196 22.37 0.21 -0.50
CA GLY A 196 23.49 1.07 -0.17
C GLY A 196 24.43 0.49 0.86
N VAL A 197 24.55 -0.83 0.90
CA VAL A 197 25.34 -1.53 1.91
C VAL A 197 26.46 -2.28 1.20
N ARG A 198 27.68 -2.12 1.69
CA ARG A 198 28.81 -2.93 1.26
C ARG A 198 29.49 -3.51 2.49
N ARG A 199 29.52 -4.84 2.59
CA ARG A 199 30.16 -5.49 3.72
C ARG A 199 31.67 -5.48 3.54
N LYS A 200 32.38 -5.14 4.60
CA LYS A 200 33.83 -5.22 4.60
C LYS A 200 34.28 -6.66 4.77
N VAL A 201 35.52 -6.94 4.33
CA VAL A 201 36.07 -8.28 4.44
C VAL A 201 36.14 -8.69 5.90
N GLY A 202 35.68 -9.91 6.19
CA GLY A 202 35.67 -10.41 7.54
C GLY A 202 34.59 -9.83 8.45
N GLU A 203 33.75 -8.92 7.94
CA GLU A 203 32.69 -8.36 8.75
C GLU A 203 31.54 -9.35 8.91
N ARG A 204 30.99 -9.38 10.12
CA ARG A 204 29.84 -10.20 10.45
C ARG A 204 28.57 -9.36 10.35
N LEU A 205 27.59 -9.85 9.60
CA LEU A 205 26.35 -9.11 9.36
C LEU A 205 25.28 -9.51 10.38
N ILE A 206 24.69 -8.50 11.03
CA ILE A 206 23.63 -8.70 12.00
C ILE A 206 22.51 -7.70 11.70
N SER A 207 21.28 -8.21 11.60
CA SER A 207 20.11 -7.35 11.44
C SER A 207 19.42 -7.19 12.80
N LEU A 208 18.80 -6.02 12.99
CA LEU A 208 18.18 -5.66 14.26
C LEU A 208 16.76 -5.17 14.02
N PHE A 209 15.78 -5.98 14.42
CA PHE A 209 14.37 -5.63 14.37
C PHE A 209 13.76 -6.02 15.71
N ALA A 210 13.37 -5.03 16.51
CA ALA A 210 12.95 -5.29 17.88
C ALA A 210 12.00 -4.17 18.33
N TYR A 211 11.60 -4.26 19.60
CA TYR A 211 10.92 -3.17 20.29
C TYR A 211 11.94 -2.37 21.08
N GLU A 212 11.46 -1.50 21.96
CA GLU A 212 12.35 -0.80 22.88
C GLU A 212 12.95 -1.81 23.85
N ASN A 213 14.25 -2.04 23.75
CA ASN A 213 14.91 -3.11 24.51
C ASN A 213 15.99 -2.53 25.41
N PRO A 214 15.84 -2.61 26.73
CA PRO A 214 16.90 -2.09 27.62
C PRO A 214 18.20 -2.87 27.53
N ALA A 215 18.16 -4.13 27.08
CA ALA A 215 19.38 -4.93 26.97
C ALA A 215 20.19 -4.59 25.73
N LEU A 216 19.70 -3.69 24.87
CA LEU A 216 20.41 -3.40 23.62
C LEU A 216 21.77 -2.74 23.86
N PRO A 217 21.89 -1.68 24.66
CA PRO A 217 23.23 -1.07 24.82
C PRO A 217 24.28 -2.02 25.36
N GLY A 218 23.92 -2.90 26.30
CA GLY A 218 24.88 -3.87 26.79
C GLY A 218 25.38 -4.80 25.71
N TRP A 219 24.50 -5.19 24.78
CA TRP A 219 24.90 -6.04 23.68
C TRP A 219 25.76 -5.28 22.68
N LEU A 220 25.42 -4.02 22.40
CA LEU A 220 26.20 -3.22 21.47
C LEU A 220 27.62 -3.01 22.00
N GLU A 221 27.76 -2.86 23.32
CA GLU A 221 29.09 -2.76 23.91
C GLU A 221 29.93 -4.01 23.63
N GLN A 222 29.30 -5.19 23.67
CA GLN A 222 30.04 -6.42 23.40
C GLN A 222 30.41 -6.53 21.93
N LEU A 223 29.55 -6.07 21.03
CA LEU A 223 29.92 -6.05 19.62
C LEU A 223 31.01 -5.02 19.35
N ARG A 224 31.01 -3.91 20.08
CA ARG A 224 32.04 -2.89 19.91
C ARG A 224 33.40 -3.38 20.35
N ASP A 225 33.46 -4.10 21.47
CA ASP A 225 34.70 -4.57 22.05
C ASP A 225 35.12 -5.95 21.56
N ALA A 226 34.37 -6.56 20.64
CA ALA A 226 34.68 -7.91 20.19
C ALA A 226 35.93 -7.92 19.32
N ARG A 227 36.43 -9.14 19.07
CA ARG A 227 37.57 -9.35 18.19
C ARG A 227 37.18 -9.38 16.72
N GLN A 228 36.00 -9.91 16.39
CA GLN A 228 35.58 -9.92 14.99
C GLN A 228 34.70 -8.71 14.71
N PRO A 229 34.94 -7.99 13.61
CA PRO A 229 34.09 -6.84 13.30
C PRO A 229 32.67 -7.26 12.92
N SER A 230 31.72 -6.39 13.27
CA SER A 230 30.31 -6.63 13.00
C SER A 230 29.71 -5.45 12.25
N LEU A 231 28.83 -5.74 11.30
CA LEU A 231 28.04 -4.74 10.60
C LEU A 231 26.58 -4.91 11.02
N LEU A 232 26.07 -3.97 11.79
CA LEU A 232 24.71 -4.03 12.32
C LEU A 232 23.80 -3.23 11.41
N LEU A 233 22.90 -3.92 10.71
CA LEU A 233 21.95 -3.31 9.80
C LEU A 233 20.63 -3.15 10.53
N VAL A 234 20.20 -1.90 10.71
CA VAL A 234 19.01 -1.61 11.51
CA VAL A 234 19.03 -1.58 11.53
C VAL A 234 17.97 -0.96 10.61
N PRO A 235 16.87 -1.64 10.33
CA PRO A 235 15.78 -0.98 9.59
C PRO A 235 15.14 0.10 10.44
N GLU A 236 14.64 1.13 9.76
CA GLU A 236 13.99 2.24 10.43
C GLU A 236 12.82 1.75 11.28
N GLY A 237 12.82 2.09 12.55
CA GLY A 237 11.76 1.61 13.43
C GLY A 237 11.94 2.08 14.86
N ARG A 238 11.25 1.39 15.77
CA ARG A 238 11.18 1.82 17.17
C ARG A 238 12.53 1.73 17.87
N VAL A 239 13.38 0.80 17.45
CA VAL A 239 14.65 0.57 18.14
C VAL A 239 15.68 1.66 17.85
N LEU A 240 15.43 2.53 16.88
CA LEU A 240 16.42 3.53 16.48
C LEU A 240 16.77 4.49 17.61
N ALA A 241 15.81 4.83 18.46
CA ALA A 241 16.08 5.75 19.55
C ALA A 241 17.10 5.16 20.51
N ASP A 242 17.04 3.85 20.76
CA ASP A 242 18.00 3.21 21.65
C ASP A 242 19.38 3.16 21.00
N VAL A 243 19.45 2.92 19.69
CA VAL A 243 20.73 2.90 19.01
C VAL A 243 21.35 4.28 18.97
N ALA A 244 20.54 5.30 18.70
CA ALA A 244 21.04 6.67 18.68
C ALA A 244 21.62 7.08 20.03
N ASP A 245 20.91 6.75 21.12
CA ASP A 245 21.41 7.07 22.45
C ASP A 245 22.73 6.36 22.73
N TRP A 246 22.88 5.12 22.27
CA TRP A 246 24.14 4.42 22.47
C TRP A 246 25.23 5.01 21.59
N LEU A 247 24.92 5.30 20.33
CA LEU A 247 25.86 5.99 19.46
C LEU A 247 26.11 7.42 19.92
N ARG A 248 25.26 7.96 20.80
CA ARG A 248 25.37 9.33 21.31
C ARG A 248 25.26 10.34 20.17
N VAL A 249 24.27 10.12 19.31
CA VAL A 249 23.93 11.07 18.23
C VAL A 249 22.48 11.47 18.39
N ALA A 250 22.15 12.65 17.89
CA ALA A 250 20.79 13.18 18.01
C ALA A 250 19.83 12.45 17.09
N THR A 251 20.18 12.32 15.82
CA THR A 251 19.29 11.76 14.82
C THR A 251 20.00 10.66 14.03
N LEU A 252 19.25 9.62 13.68
CA LEU A 252 19.72 8.55 12.81
C LEU A 252 18.79 8.48 11.61
N ALA A 253 19.33 8.76 10.43
CA ALA A 253 18.58 8.74 9.19
C ALA A 253 19.02 7.57 8.32
N VAL A 254 18.14 7.20 7.39
CA VAL A 254 18.44 6.11 6.46
C VAL A 254 19.67 6.47 5.65
N GLY A 255 20.65 5.57 5.64
CA GLY A 255 21.89 5.78 4.94
C GLY A 255 23.07 6.16 5.82
N ASP A 256 22.81 6.53 7.08
CA ASP A 256 23.89 6.87 7.98
C ASP A 256 24.71 5.63 8.34
N VAL A 257 26.02 5.82 8.47
CA VAL A 257 26.94 4.76 8.86
C VAL A 257 27.80 5.29 10.00
N HIS A 258 27.80 4.58 11.12
CA HIS A 258 28.60 4.95 12.29
C HIS A 258 29.52 3.81 12.67
N VAL A 259 30.75 4.14 13.03
CA VAL A 259 31.78 3.18 13.38
C VAL A 259 32.13 3.35 14.85
N ARG A 260 32.07 2.25 15.60
CA ARG A 260 32.44 2.22 17.02
C ARG A 260 33.33 0.99 17.22
N ASP A 261 34.63 1.17 17.02
CA ASP A 261 35.64 0.10 17.15
C ASP A 261 35.27 -1.02 16.19
N ALA A 262 34.95 -2.22 16.65
CA ALA A 262 34.64 -3.34 15.78
C ALA A 262 33.19 -3.35 15.30
N LEU A 263 32.37 -2.38 15.71
CA LEU A 263 30.96 -2.34 15.37
C LEU A 263 30.70 -1.24 14.34
N ARG A 264 30.03 -1.61 13.26
CA ARG A 264 29.54 -0.66 12.26
C ARG A 264 28.01 -0.73 12.23
N VAL A 265 27.38 0.43 12.39
CA VAL A 265 25.92 0.54 12.43
C VAL A 265 25.46 1.33 11.21
N GLN A 266 24.58 0.75 10.41
CA GLN A 266 24.02 1.41 9.24
C GLN A 266 22.50 1.33 9.31
N VAL A 267 21.84 2.46 9.06
CA VAL A 267 20.39 2.53 9.14
C VAL A 267 19.81 2.19 7.76
N LEU A 268 18.90 1.24 7.73
CA LEU A 268 18.26 0.83 6.50
C LEU A 268 16.82 1.34 6.44
N PRO A 269 16.28 1.54 5.24
CA PRO A 269 14.87 1.93 5.14
C PRO A 269 13.97 0.74 5.39
N PHE A 270 12.76 1.03 5.85
CA PHE A 270 11.74 0.00 5.92
C PHE A 270 11.43 -0.45 4.49
N MET A 271 11.76 -1.70 4.17
CA MET A 271 11.70 -2.18 2.79
C MET A 271 10.49 -3.08 2.59
N ALA A 272 10.26 -3.45 1.33
CA ALA A 272 9.19 -4.38 1.01
C ALA A 272 9.42 -5.72 1.70
N GLN A 273 8.33 -6.46 1.87
CA GLN A 273 8.39 -7.70 2.63
C GLN A 273 9.37 -8.70 2.02
N ASP A 274 9.40 -8.78 0.68
CA ASP A 274 10.29 -9.72 0.03
C ASP A 274 11.75 -9.29 0.13
N ASP A 275 12.01 -7.98 0.13
CA ASP A 275 13.37 -7.51 0.34
C ASP A 275 13.82 -7.73 1.77
N TYR A 276 12.89 -7.67 2.74
CA TYR A 276 13.24 -8.03 4.11
C TYR A 276 13.67 -9.49 4.20
N ASP A 277 13.08 -10.36 3.38
CA ASP A 277 13.54 -11.74 3.30
C ASP A 277 15.01 -11.80 2.90
N ARG A 278 15.36 -11.14 1.80
CA ARG A 278 16.74 -11.20 1.30
C ARG A 278 17.72 -10.58 2.29
N LEU A 279 17.28 -9.59 3.07
CA LEU A 279 18.13 -9.06 4.13
C LEU A 279 18.41 -10.13 5.18
N LEU A 280 17.36 -10.82 5.64
CA LEU A 280 17.55 -11.90 6.61
C LEU A 280 18.44 -13.01 6.05
N TRP A 281 18.39 -13.24 4.74
CA TRP A 281 19.19 -14.30 4.14
C TRP A 281 20.67 -13.92 4.05
N CYS A 282 20.99 -12.63 4.12
CA CYS A 282 22.38 -12.19 4.02
C CYS A 282 23.11 -12.23 5.35
N CYS A 283 22.39 -12.19 6.47
CA CYS A 283 23.01 -11.96 7.76
C CYS A 283 23.34 -13.27 8.46
N ASP A 284 24.35 -13.22 9.32
CA ASP A 284 24.73 -14.37 10.14
C ASP A 284 23.91 -14.46 11.41
N LEU A 285 23.28 -13.37 11.82
CA LEU A 285 22.43 -13.36 13.01
C LEU A 285 21.33 -12.34 12.79
N ASN A 286 20.08 -12.79 12.91
CA ASN A 286 18.93 -11.93 12.69
C ASN A 286 18.20 -11.72 14.02
N ALA A 287 18.18 -10.49 14.50
CA ALA A 287 17.38 -10.12 15.65
C ALA A 287 16.01 -9.69 15.14
N VAL A 288 14.97 -10.46 15.49
CA VAL A 288 13.62 -10.26 15.00
C VAL A 288 12.68 -10.17 16.20
N ARG A 289 11.39 -10.03 15.91
CA ARG A 289 10.38 -9.78 16.93
C ARG A 289 9.04 -10.33 16.45
N GLY A 290 8.02 -10.16 17.30
CA GLY A 290 6.65 -10.39 16.85
C GLY A 290 6.38 -11.84 16.49
N GLU A 291 5.81 -12.05 15.31
CA GLU A 291 5.48 -13.40 14.84
C GLU A 291 5.90 -13.66 13.40
N ASP A 292 5.70 -12.70 12.49
CA ASP A 292 6.01 -12.96 11.09
C ASP A 292 7.52 -12.97 10.85
N SER A 293 8.21 -11.88 11.21
CA SER A 293 9.66 -11.84 11.05
C SER A 293 10.34 -12.89 11.91
N PHE A 294 9.69 -13.32 13.00
CA PHE A 294 10.19 -14.44 13.78
C PHE A 294 10.25 -15.71 12.93
N VAL A 295 9.20 -15.98 12.15
CA VAL A 295 9.20 -17.15 11.28
C VAL A 295 10.10 -16.92 10.08
N ARG A 296 10.10 -15.71 9.53
CA ARG A 296 10.94 -15.40 8.38
C ARG A 296 12.41 -15.63 8.68
N ALA A 297 12.84 -15.27 9.89
CA ALA A 297 14.22 -15.54 10.29
C ALA A 297 14.50 -17.03 10.36
N GLN A 298 13.49 -17.83 10.67
CA GLN A 298 13.67 -19.27 10.71
C GLN A 298 13.82 -19.85 9.30
N TRP A 299 13.06 -19.34 8.33
CA TRP A 299 13.23 -19.80 6.96
C TRP A 299 14.61 -19.44 6.42
N ALA A 300 15.20 -18.34 6.91
CA ALA A 300 16.54 -17.96 6.49
C ALA A 300 17.59 -19.00 6.84
N GLY A 301 17.29 -19.89 7.80
CA GLY A 301 18.25 -20.91 8.17
C GLY A 301 19.47 -20.34 8.84
N ARG A 302 19.30 -19.29 9.63
CA ARG A 302 20.39 -18.58 10.27
C ARG A 302 20.08 -18.38 11.75
N PRO A 303 21.10 -18.22 12.58
CA PRO A 303 20.86 -17.91 13.99
C PRO A 303 19.88 -16.76 14.17
N LEU A 304 19.16 -16.79 15.28
CA LEU A 304 17.99 -15.96 15.48
C LEU A 304 18.02 -15.35 16.88
N LEU A 305 17.53 -14.12 16.98
CA LEU A 305 17.31 -13.46 18.26
C LEU A 305 15.88 -12.93 18.26
N TRP A 306 15.09 -13.37 19.23
CA TRP A 306 13.65 -13.13 19.24
C TRP A 306 13.28 -12.20 20.38
N HIS A 307 12.70 -11.05 20.03
CA HIS A 307 12.13 -10.12 21.01
C HIS A 307 10.62 -10.33 20.98
N ILE A 308 10.12 -11.10 21.92
CA ILE A 308 8.71 -11.51 21.89
C ILE A 308 7.84 -10.35 22.36
N TYR A 309 6.64 -10.26 21.80
CA TYR A 309 5.68 -9.23 22.19
C TYR A 309 5.32 -9.39 23.66
N ARG A 310 5.60 -8.35 24.44
CA ARG A 310 5.35 -8.39 25.87
C ARG A 310 3.86 -8.36 26.17
N GLN A 311 3.44 -9.23 27.08
CA GLN A 311 2.05 -9.32 27.51
C GLN A 311 1.97 -9.09 29.02
N GLU A 312 0.74 -8.93 29.51
CA GLU A 312 0.52 -8.74 30.94
C GLU A 312 0.72 -10.04 31.70
N GLU A 313 1.08 -9.90 32.98
CA GLU A 313 1.28 -11.04 33.88
C GLU A 313 2.34 -12.00 33.36
N GLU A 314 3.27 -11.49 32.55
CA GLU A 314 4.37 -12.29 32.00
C GLU A 314 3.86 -13.51 31.24
N THR A 315 2.76 -13.32 30.51
CA THR A 315 2.20 -14.42 29.72
C THR A 315 3.14 -14.81 28.58
N HIS A 316 3.89 -13.85 28.03
CA HIS A 316 4.78 -14.14 26.92
C HIS A 316 5.93 -15.06 27.30
N LEU A 317 6.29 -15.13 28.59
CA LEU A 317 7.40 -15.97 29.00
C LEU A 317 7.09 -17.45 28.77
N ALA A 318 5.84 -17.86 29.00
CA ALA A 318 5.45 -19.23 28.71
C ALA A 318 5.54 -19.52 27.21
N LYS A 319 5.20 -18.53 26.38
CA LYS A 319 5.32 -18.71 24.93
C LYS A 319 6.77 -18.69 24.49
N LEU A 320 7.62 -17.90 25.15
CA LEU A 320 9.04 -17.91 24.84
C LEU A 320 9.68 -19.24 25.22
N GLU A 321 9.37 -19.74 26.42
CA GLU A 321 9.90 -21.03 26.85
C GLU A 321 9.39 -22.18 25.99
N ALA A 322 8.14 -22.09 25.51
CA ALA A 322 7.57 -23.18 24.72
C ALA A 322 8.29 -23.32 23.39
N PHE A 323 8.65 -22.21 22.75
CA PHE A 323 9.41 -22.31 21.51
C PHE A 323 10.84 -22.77 21.78
N LEU A 324 11.44 -22.27 22.86
CA LEU A 324 12.82 -22.66 23.18
C LEU A 324 12.92 -24.16 23.44
N GLU A 325 11.98 -24.73 24.19
CA GLU A 325 12.01 -26.16 24.45
C GLU A 325 11.88 -26.96 23.17
N LEU A 326 11.13 -26.46 22.19
CA LEU A 326 10.97 -27.15 20.93
C LEU A 326 12.15 -26.88 19.98
N TYR A 327 12.71 -25.67 20.04
CA TYR A 327 13.80 -25.29 19.15
C TYR A 327 15.15 -25.85 19.61
N CYS A 328 15.32 -26.06 20.93
CA CYS A 328 16.57 -26.55 21.48
C CYS A 328 16.59 -28.08 21.63
N ALA A 329 15.69 -28.79 20.95
CA ALA A 329 15.66 -30.24 21.06
C ALA A 329 16.88 -30.87 20.39
N GLY A 330 17.26 -30.37 19.22
CA GLY A 330 18.41 -30.88 18.50
C GLY A 330 19.73 -30.23 18.84
N LEU A 331 19.72 -29.20 19.68
CA LEU A 331 20.95 -28.51 20.05
C LEU A 331 21.72 -29.29 21.12
N PRO A 332 23.04 -29.12 21.19
CA PRO A 332 23.77 -29.60 22.36
C PRO A 332 23.38 -28.82 23.60
N ALA A 333 23.66 -29.42 24.76
CA ALA A 333 23.17 -28.87 26.02
C ALA A 333 23.75 -27.48 26.28
N ASP A 334 25.05 -27.29 26.06
CA ASP A 334 25.66 -26.01 26.37
C ASP A 334 25.20 -24.91 25.41
N LEU A 335 24.97 -25.26 24.14
CA LEU A 335 24.44 -24.29 23.20
C LEU A 335 22.99 -23.94 23.52
N ALA A 336 22.19 -24.94 23.91
CA ALA A 336 20.81 -24.68 24.29
C ALA A 336 20.74 -23.79 25.53
N GLU A 337 21.68 -23.96 26.47
CA GLU A 337 21.66 -23.15 27.68
C GLU A 337 22.02 -21.71 27.38
N ASN A 338 23.08 -21.48 26.59
CA ASN A 338 23.42 -20.13 26.18
C ASN A 338 22.28 -19.47 25.41
N LEU A 339 21.53 -20.27 24.64
CA LEU A 339 20.43 -19.71 23.86
C LEU A 339 19.29 -19.26 24.74
N ARG A 340 18.90 -20.11 25.71
CA ARG A 340 17.82 -19.75 26.61
CA ARG A 340 17.82 -19.75 26.63
C ARG A 340 18.20 -18.56 27.49
N THR A 341 19.46 -18.51 27.95
CA THR A 341 19.89 -17.41 28.80
C THR A 341 19.90 -16.08 28.02
N PHE A 342 20.33 -16.10 26.76
CA PHE A 342 20.41 -14.87 25.99
C PHE A 342 19.02 -14.35 25.66
N TRP A 343 18.15 -15.22 25.13
CA TRP A 343 16.80 -14.79 24.79
C TRP A 343 16.05 -14.29 26.01
N LEU A 344 16.23 -14.95 27.16
CA LEU A 344 15.57 -14.50 28.38
C LEU A 344 16.06 -13.11 28.78
N ALA A 345 17.37 -12.87 28.71
CA ALA A 345 17.90 -11.54 28.98
C ALA A 345 17.48 -10.55 27.90
N TRP A 346 17.33 -11.02 26.65
CA TRP A 346 16.89 -10.13 25.59
C TRP A 346 15.44 -9.68 25.77
N ASN A 347 14.66 -10.41 26.58
CA ASN A 347 13.26 -10.10 26.79
C ASN A 347 12.94 -9.70 28.22
N ALA A 348 13.95 -9.56 29.08
CA ALA A 348 13.70 -9.22 30.48
C ALA A 348 14.91 -8.58 31.13
N GLY A 349 15.36 -7.45 30.60
CA GLY A 349 16.47 -6.73 31.18
C GLY A 349 17.83 -7.35 30.87
N GLY A 350 18.87 -6.52 30.86
CA GLY A 350 20.19 -6.98 30.50
C GLY A 350 20.72 -8.07 31.41
N GLY A 351 21.83 -8.66 30.98
CA GLY A 351 22.43 -9.77 31.69
C GLY A 351 22.77 -10.92 30.77
N LEU A 352 23.19 -10.60 29.54
CA LEU A 352 23.52 -11.58 28.53
C LEU A 352 25.00 -11.58 28.15
N ALA A 353 25.85 -11.08 29.03
CA ALA A 353 27.28 -11.03 28.76
C ALA A 353 27.84 -12.42 28.49
N GLY A 354 27.88 -13.25 29.53
CA GLY A 354 28.41 -14.60 29.38
C GLY A 354 27.61 -15.44 28.39
N ALA A 355 26.32 -15.17 28.25
CA ALA A 355 25.50 -15.91 27.29
C ALA A 355 25.90 -15.57 25.86
N TRP A 356 26.13 -14.28 25.57
CA TRP A 356 26.55 -13.90 24.23
C TRP A 356 27.94 -14.42 23.90
N GLU A 357 28.85 -14.41 24.87
CA GLU A 357 30.17 -14.98 24.65
C GLU A 357 30.07 -16.46 24.27
N GLY A 358 29.16 -17.19 24.90
CA GLY A 358 29.01 -18.60 24.58
C GLY A 358 28.39 -18.83 23.21
N LEU A 359 27.39 -18.01 22.85
CA LEU A 359 26.76 -18.15 21.53
C LEU A 359 27.73 -17.74 20.42
N GLU A 360 28.52 -16.70 20.66
CA GLU A 360 29.45 -16.23 19.63
C GLU A 360 30.49 -17.29 19.29
N ARG A 361 30.90 -18.10 20.26
CA ARG A 361 31.88 -19.14 20.00
C ARG A 361 31.30 -20.27 19.16
N GLN A 362 30.00 -20.53 19.27
CA GLN A 362 29.35 -21.65 18.59
C GLN A 362 28.42 -21.19 17.49
N LEU A 363 28.70 -20.05 16.87
CA LEU A 363 27.88 -19.58 15.75
C LEU A 363 27.85 -20.55 14.57
N PRO A 364 28.97 -21.14 14.12
CA PRO A 364 28.87 -22.13 13.02
C PRO A 364 27.95 -23.30 13.35
N GLU A 365 28.09 -23.88 14.54
CA GLU A 365 27.24 -25.00 14.93
C GLU A 365 25.78 -24.57 15.03
N TRP A 366 25.54 -23.39 15.62
CA TRP A 366 24.17 -22.86 15.67
C TRP A 366 23.60 -22.69 14.26
N ARG A 367 24.42 -22.19 13.34
CA ARG A 367 23.97 -22.01 11.95
C ARG A 367 23.56 -23.32 11.32
N ARG A 368 24.33 -24.39 11.55
CA ARG A 368 23.98 -25.69 10.98
C ARG A 368 22.67 -26.21 11.55
N GLU A 369 22.43 -25.98 12.84
CA GLU A 369 21.17 -26.42 13.44
C GLU A 369 20.01 -25.55 13.00
N ALA A 370 20.26 -24.26 12.72
CA ALA A 370 19.21 -23.40 12.20
C ALA A 370 18.80 -23.84 10.79
N GLN A 371 19.75 -24.32 9.99
CA GLN A 371 19.41 -24.84 8.67
C GLN A 371 18.61 -26.13 8.77
N ARG A 372 18.99 -27.02 9.70
CA ARG A 372 18.24 -28.26 9.87
C ARG A 372 16.83 -28.00 10.38
N TRP A 373 16.68 -27.03 11.28
CA TRP A 373 15.35 -26.69 11.79
C TRP A 373 14.46 -26.14 10.68
N ALA A 374 15.04 -25.34 9.78
CA ALA A 374 14.27 -24.79 8.66
C ALA A 374 13.90 -25.88 7.66
N ASP A 375 14.82 -26.79 7.38
CA ASP A 375 14.56 -27.84 6.40
C ASP A 375 13.54 -28.84 6.91
N GLU A 376 13.58 -29.16 8.20
CA GLU A 376 12.58 -30.04 8.78
C GLU A 376 11.21 -29.38 8.81
N GLN A 377 11.17 -28.09 9.18
CA GLN A 377 9.92 -27.33 9.09
C GLN A 377 9.46 -27.19 7.64
N GLY A 378 10.40 -27.07 6.71
CA GLY A 378 10.06 -26.94 5.30
C GLY A 378 9.41 -28.16 4.69
N MET A 379 9.46 -29.30 5.37
CA MET A 379 8.78 -30.51 4.89
C MET A 379 7.32 -30.57 5.29
N ARG A 380 6.90 -29.77 6.26
CA ARG A 380 5.49 -29.70 6.63
C ARG A 380 4.71 -28.88 5.60
N PRO A 381 3.50 -29.29 5.26
CA PRO A 381 2.69 -28.49 4.33
C PRO A 381 2.43 -27.10 4.90
N ASP A 382 2.46 -26.11 4.02
CA ASP A 382 2.34 -24.73 4.46
C ASP A 382 0.91 -24.41 4.90
N LEU A 383 0.76 -23.29 5.61
CA LEU A 383 -0.52 -22.93 6.18
C LEU A 383 -1.53 -22.57 5.10
N ALA A 384 -1.09 -21.87 4.05
CA ALA A 384 -2.02 -21.50 2.98
C ALA A 384 -2.58 -22.74 2.30
N ALA A 385 -1.75 -23.76 2.10
CA ALA A 385 -2.24 -25.01 1.51
C ALA A 385 -3.20 -25.73 2.45
N ARG A 386 -3.00 -25.62 3.76
CA ARG A 386 -3.92 -26.24 4.70
C ARG A 386 -5.26 -25.52 4.74
N LEU A 387 -5.26 -24.20 4.52
CA LEU A 387 -6.52 -23.46 4.46
C LEU A 387 -7.34 -23.86 3.25
N VAL A 388 -6.69 -24.03 2.09
CA VAL A 388 -7.41 -24.45 0.90
C VAL A 388 -7.92 -25.87 1.05
N GLN A 389 -7.10 -26.77 1.61
CA GLN A 389 -7.56 -28.13 1.84
C GLN A 389 -8.68 -28.16 2.88
N PHE A 390 -8.60 -27.29 3.88
CA PHE A 390 -9.69 -27.19 4.86
C PHE A 390 -10.99 -26.76 4.19
N TYR A 391 -10.93 -25.75 3.32
CA TYR A 391 -12.13 -25.30 2.64
C TYR A 391 -12.66 -26.36 1.68
N ALA A 392 -11.78 -27.03 0.95
CA ALA A 392 -12.22 -28.06 0.02
C ALA A 392 -12.91 -29.21 0.76
N ASP A 393 -12.33 -29.66 1.86
CA ASP A 393 -12.95 -30.73 2.64
C ASP A 393 -14.19 -30.25 3.39
N TRP A 394 -14.36 -28.94 3.53
CA TRP A 394 -15.53 -28.40 4.21
C TRP A 394 -16.75 -28.30 3.29
N LEU A 395 -16.53 -28.18 1.99
CA LEU A 395 -17.63 -28.12 1.03
C LEU A 395 -18.41 -29.43 1.02
N HIS B 19 19.30 6.57 -41.20
CA HIS B 19 20.20 5.61 -40.57
C HIS B 19 19.64 5.12 -39.24
N MET B 20 20.18 4.01 -38.75
CA MET B 20 19.75 3.42 -37.48
C MET B 20 20.50 4.09 -36.35
N ALA B 21 19.88 5.11 -35.75
CA ALA B 21 20.42 5.72 -34.54
C ALA B 21 19.93 4.94 -33.32
N SER B 22 20.61 5.17 -32.19
CA SER B 22 20.25 4.52 -30.93
C SER B 22 19.49 5.49 -30.04
N TRP B 23 18.55 4.93 -29.28
CA TRP B 23 17.66 5.70 -28.42
C TRP B 23 17.58 5.05 -27.05
N ASP B 24 17.82 5.84 -26.00
CA ASP B 24 17.51 5.46 -24.63
C ASP B 24 16.21 6.13 -24.21
N ILE B 25 15.27 5.34 -23.72
CA ILE B 25 14.01 5.85 -23.19
C ILE B 25 13.89 5.39 -21.74
N PHE B 26 13.84 6.34 -20.81
CA PHE B 26 13.77 6.05 -19.39
C PHE B 26 12.34 6.25 -18.90
N CYS B 27 11.82 5.23 -18.21
CA CYS B 27 10.44 5.23 -17.75
C CYS B 27 10.42 5.00 -16.24
N SER B 28 9.95 5.98 -15.50
CA SER B 28 9.72 5.85 -14.06
C SER B 28 8.22 5.61 -13.85
N VAL B 29 7.87 4.41 -13.41
CA VAL B 29 6.47 4.05 -13.18
C VAL B 29 6.06 4.68 -11.85
N VAL B 30 5.39 5.83 -11.92
CA VAL B 30 4.97 6.53 -10.71
C VAL B 30 3.71 5.90 -10.14
N ASP B 31 2.66 5.78 -10.95
CA ASP B 31 1.48 5.03 -10.61
C ASP B 31 0.77 4.65 -11.90
N ASN B 32 -0.17 3.72 -11.79
CA ASN B 32 -1.02 3.31 -12.91
C ASN B 32 -0.11 2.76 -14.04
N TYR B 33 -0.55 2.89 -15.29
CA TYR B 33 0.11 2.23 -16.41
C TYR B 33 0.47 3.16 -17.56
N GLY B 34 0.14 4.45 -17.48
CA GLY B 34 0.40 5.35 -18.59
C GLY B 34 1.87 5.63 -18.84
N ASP B 35 2.69 5.66 -17.79
CA ASP B 35 4.12 5.90 -17.98
C ASP B 35 4.74 4.85 -18.88
N ILE B 36 4.56 3.57 -18.52
CA ILE B 36 5.10 2.50 -19.35
C ILE B 36 4.25 2.33 -20.61
N GLY B 37 2.96 2.65 -20.54
CA GLY B 37 2.12 2.54 -21.73
C GLY B 37 2.57 3.44 -22.85
N VAL B 38 2.95 4.68 -22.53
CA VAL B 38 3.36 5.64 -23.55
C VAL B 38 4.77 5.34 -24.05
N THR B 39 5.71 5.04 -23.16
CA THR B 39 7.08 4.78 -23.58
C THR B 39 7.18 3.47 -24.36
N TRP B 40 6.41 2.45 -23.96
CA TRP B 40 6.43 1.19 -24.70
C TRP B 40 5.84 1.37 -26.10
N ARG B 41 4.76 2.14 -26.21
CA ARG B 41 4.21 2.44 -27.53
C ARG B 41 5.21 3.21 -28.38
N LEU B 42 5.91 4.18 -27.78
CA LEU B 42 6.91 4.95 -28.51
C LEU B 42 8.11 4.10 -28.87
N ALA B 43 8.59 3.29 -27.92
CA ALA B 43 9.73 2.42 -28.20
C ALA B 43 9.42 1.47 -29.34
N ARG B 44 8.24 0.84 -29.29
CA ARG B 44 7.85 -0.11 -30.32
C ARG B 44 7.80 0.55 -31.70
N GLN B 45 7.27 1.77 -31.77
CA GLN B 45 7.14 2.45 -33.06
C GLN B 45 8.49 2.87 -33.61
N LEU B 46 9.39 3.36 -32.73
CA LEU B 46 10.73 3.73 -33.18
C LEU B 46 11.47 2.54 -33.77
N ALA B 47 11.26 1.36 -33.21
CA ALA B 47 11.96 0.17 -33.70
C ALA B 47 11.34 -0.37 -34.98
N ALA B 48 10.01 -0.40 -35.06
CA ALA B 48 9.36 -1.07 -36.19
C ALA B 48 9.26 -0.15 -37.41
N GLU B 49 8.75 1.06 -37.22
CA GLU B 49 8.48 1.93 -38.37
C GLU B 49 9.72 2.68 -38.84
N HIS B 50 10.66 2.96 -37.94
CA HIS B 50 11.83 3.75 -38.28
C HIS B 50 13.13 2.98 -38.22
N GLY B 51 13.10 1.70 -37.82
CA GLY B 51 14.30 0.90 -37.81
C GLY B 51 15.38 1.38 -36.86
N GLN B 52 14.99 1.96 -35.74
CA GLN B 52 15.94 2.47 -34.76
C GLN B 52 16.26 1.40 -33.72
N ALA B 53 17.43 1.52 -33.11
CA ALA B 53 17.81 0.70 -31.96
C ALA B 53 17.34 1.42 -30.69
N VAL B 54 16.57 0.71 -29.87
CA VAL B 54 15.86 1.34 -28.75
C VAL B 54 16.12 0.55 -27.48
N ARG B 55 16.50 1.24 -26.41
CA ARG B 55 16.57 0.68 -25.08
C ARG B 55 15.53 1.36 -24.21
N LEU B 56 14.64 0.57 -23.61
CA LEU B 56 13.57 1.07 -22.74
C LEU B 56 13.90 0.66 -21.31
N TRP B 57 14.24 1.65 -20.48
CA TRP B 57 14.58 1.41 -19.08
C TRP B 57 13.33 1.63 -18.23
N VAL B 58 12.85 0.56 -17.60
CA VAL B 58 11.66 0.61 -16.77
C VAL B 58 12.06 0.21 -15.35
N ASP B 59 11.65 1.01 -14.38
CA ASP B 59 12.02 0.80 -12.99
C ASP B 59 11.02 -0.06 -12.21
N GLU B 60 9.95 -0.53 -12.86
CA GLU B 60 8.98 -1.40 -12.22
C GLU B 60 8.55 -2.46 -13.24
N PRO B 61 9.06 -3.68 -13.12
CA PRO B 61 8.78 -4.69 -14.16
C PRO B 61 7.36 -5.24 -14.13
N GLN B 62 6.67 -5.17 -12.99
CA GLN B 62 5.32 -5.72 -12.93
C GLN B 62 4.35 -4.92 -13.79
N ALA B 63 4.52 -3.60 -13.85
CA ALA B 63 3.64 -2.78 -14.67
C ALA B 63 3.85 -3.06 -16.16
N PHE B 64 5.11 -3.21 -16.59
CA PHE B 64 5.37 -3.49 -17.99
C PHE B 64 4.89 -4.88 -18.38
N ALA B 65 4.96 -5.86 -17.47
CA ALA B 65 4.52 -7.21 -17.79
C ALA B 65 3.02 -7.27 -18.04
N ARG B 66 2.25 -6.39 -17.39
CA ARG B 66 0.81 -6.37 -17.64
C ARG B 66 0.50 -5.72 -18.98
N ILE B 67 1.27 -4.69 -19.34
CA ILE B 67 1.11 -4.04 -20.65
C ILE B 67 1.57 -4.97 -21.76
N CYS B 68 2.71 -5.64 -21.57
CA CYS B 68 3.30 -6.54 -22.56
C CYS B 68 3.27 -7.95 -22.02
N PRO B 69 2.20 -8.71 -22.29
CA PRO B 69 2.09 -10.06 -21.69
C PRO B 69 3.11 -11.05 -22.22
N ARG B 70 3.75 -10.77 -23.35
CA ARG B 70 4.81 -11.64 -23.85
C ARG B 70 6.13 -11.44 -23.12
N ALA B 71 6.19 -10.54 -22.15
CA ALA B 71 7.43 -10.22 -21.45
C ALA B 71 7.67 -11.17 -20.29
N ASP B 72 8.95 -11.31 -19.94
CA ASP B 72 9.35 -12.02 -18.73
C ASP B 72 9.50 -11.01 -17.61
N PRO B 73 8.68 -11.05 -16.56
CA PRO B 73 8.78 -10.03 -15.50
C PRO B 73 10.05 -10.14 -14.68
N VAL B 74 10.72 -11.29 -14.67
CA VAL B 74 11.94 -11.46 -13.89
C VAL B 74 13.20 -11.17 -14.68
N ALA B 75 13.12 -11.09 -16.01
CA ALA B 75 14.32 -10.90 -16.82
C ALA B 75 14.84 -9.48 -16.69
N HIS B 76 16.15 -9.35 -16.46
CA HIS B 76 16.76 -8.02 -16.38
C HIS B 76 16.91 -7.40 -17.77
N VAL B 77 17.25 -8.20 -18.78
CA VAL B 77 17.38 -7.74 -20.15
C VAL B 77 16.64 -8.70 -21.05
N GLN B 78 15.83 -8.16 -21.97
CA GLN B 78 15.12 -8.97 -22.94
C GLN B 78 14.79 -8.10 -24.15
N CYS B 79 14.63 -8.75 -25.29
CA CYS B 79 14.28 -8.06 -26.54
C CYS B 79 12.85 -8.41 -26.90
N LEU B 80 12.04 -7.37 -27.14
CA LEU B 80 10.63 -7.54 -27.49
C LEU B 80 10.29 -6.57 -28.60
N ASP B 81 9.88 -7.11 -29.75
CA ASP B 81 9.49 -6.31 -30.92
C ASP B 81 10.59 -5.32 -31.31
N GLY B 82 11.85 -5.76 -31.16
CA GLY B 82 12.98 -4.92 -31.51
C GLY B 82 13.42 -3.95 -30.44
N VAL B 83 12.74 -3.92 -29.31
CA VAL B 83 13.08 -3.05 -28.19
C VAL B 83 13.81 -3.87 -27.14
N GLU B 84 14.95 -3.37 -26.68
CA GLU B 84 15.66 -4.02 -25.58
C GLU B 84 15.11 -3.41 -24.28
N VAL B 85 14.23 -4.14 -23.61
CA VAL B 85 13.64 -3.69 -22.36
C VAL B 85 14.59 -4.10 -21.23
N ARG B 86 15.00 -3.13 -20.42
CA ARG B 86 15.98 -3.36 -19.37
C ARG B 86 15.45 -2.83 -18.05
N ALA B 87 15.80 -3.53 -16.97
CA ALA B 87 15.39 -3.12 -15.64
C ALA B 87 16.22 -1.93 -15.18
N TRP B 88 15.54 -0.86 -14.79
CA TRP B 88 16.19 0.33 -14.22
C TRP B 88 16.43 0.02 -12.75
N GLY B 89 17.66 -0.42 -12.44
CA GLY B 89 17.96 -0.94 -11.12
C GLY B 89 18.73 0.03 -10.26
N ARG B 90 18.76 -0.28 -8.96
CA ARG B 90 19.58 0.41 -7.99
C ARG B 90 20.57 -0.58 -7.39
N PRO B 91 21.88 -0.29 -7.43
CA PRO B 91 22.46 0.92 -8.02
C PRO B 91 22.51 0.86 -9.54
N TRP B 92 22.59 2.03 -10.17
CA TRP B 92 22.69 2.09 -11.62
C TRP B 92 24.03 1.52 -12.08
N ALA B 93 23.98 0.58 -13.03
CA ALA B 93 25.18 0.05 -13.64
C ALA B 93 25.59 0.94 -14.79
N PRO B 94 26.78 1.54 -14.77
CA PRO B 94 27.20 2.42 -15.87
C PRO B 94 27.28 1.66 -17.19
N VAL B 95 26.71 2.25 -18.24
CA VAL B 95 26.71 1.70 -19.58
C VAL B 95 26.91 2.85 -20.57
N ALA B 96 27.07 2.51 -21.84
CA ALA B 96 27.21 3.52 -22.87
C ALA B 96 25.87 4.22 -23.13
N ALA B 97 25.95 5.49 -23.49
CA ALA B 97 24.76 6.30 -23.74
C ALA B 97 24.39 6.27 -25.22
N ALA B 98 23.09 6.23 -25.49
CA ALA B 98 22.59 6.20 -26.86
C ALA B 98 22.71 7.59 -27.50
N ASP B 99 22.47 7.62 -28.83
CA ASP B 99 22.54 8.89 -29.56
C ASP B 99 21.46 9.86 -29.08
N VAL B 100 20.31 9.35 -28.65
CA VAL B 100 19.24 10.17 -28.10
C VAL B 100 18.83 9.57 -26.76
N VAL B 101 18.74 10.41 -25.73
CA VAL B 101 18.29 9.99 -24.41
C VAL B 101 17.01 10.75 -24.09
N ILE B 102 15.93 10.01 -23.83
CA ILE B 102 14.63 10.58 -23.51
C ILE B 102 14.31 10.25 -22.07
N GLU B 103 14.16 11.29 -21.24
CA GLU B 103 13.58 11.13 -19.91
C GLU B 103 12.08 11.39 -20.03
N ALA B 104 11.30 10.33 -20.00
CA ALA B 104 9.86 10.46 -20.17
C ALA B 104 9.23 11.03 -18.91
N PHE B 105 8.24 11.91 -19.11
CA PHE B 105 7.44 12.46 -18.01
C PHE B 105 8.32 13.11 -16.95
N ALA B 106 9.36 13.82 -17.40
CA ALA B 106 10.19 14.67 -16.55
C ALA B 106 10.87 13.89 -15.43
N CYS B 107 11.13 12.60 -15.65
CA CYS B 107 11.87 11.84 -14.64
C CYS B 107 13.35 12.21 -14.68
N GLU B 108 14.05 11.85 -13.62
CA GLU B 108 15.46 12.21 -13.45
C GLU B 108 16.35 11.08 -13.89
N LEU B 109 17.29 11.38 -14.78
CA LEU B 109 18.24 10.39 -15.25
C LEU B 109 19.23 10.00 -14.15
N PRO B 110 19.81 8.82 -14.23
CA PRO B 110 20.92 8.49 -13.33
C PRO B 110 22.08 9.45 -13.56
N GLU B 111 22.69 9.90 -12.47
CA GLU B 111 23.81 10.83 -12.57
C GLU B 111 24.95 10.24 -13.39
N ALA B 112 25.18 8.93 -13.27
CA ALA B 112 26.25 8.30 -14.04
C ALA B 112 25.94 8.32 -15.53
N HIS B 113 24.68 8.13 -15.90
CA HIS B 113 24.33 8.09 -17.32
C HIS B 113 24.43 9.48 -17.95
N ARG B 114 24.10 10.52 -17.19
CA ARG B 114 24.29 11.88 -17.69
C ARG B 114 25.76 12.13 -18.04
N GLN B 115 26.68 11.63 -17.21
CA GLN B 115 28.10 11.72 -17.54
C GLN B 115 28.45 10.83 -18.73
N ALA B 116 27.81 9.67 -18.86
CA ALA B 116 28.05 8.83 -20.02
C ALA B 116 27.62 9.53 -21.31
N MET B 117 26.61 10.39 -21.23
CA MET B 117 26.19 11.16 -22.40
C MET B 117 27.26 12.14 -22.85
N ARG B 118 28.08 12.62 -21.91
CA ARG B 118 29.20 13.50 -22.25
C ARG B 118 30.40 12.76 -22.79
N GLU B 119 30.52 11.45 -22.52
CA GLU B 119 31.69 10.67 -22.92
C GLU B 119 31.62 10.20 -24.37
N ARG B 120 30.88 10.90 -25.23
CA ARG B 120 30.77 10.54 -26.63
C ARG B 120 31.43 11.60 -27.49
N LYS B 121 31.80 11.21 -28.71
CA LYS B 121 32.31 12.18 -29.68
C LYS B 121 31.25 13.22 -29.98
N ARG B 122 30.04 12.77 -30.32
CA ARG B 122 28.86 13.63 -30.41
C ARG B 122 28.01 13.35 -29.17
N PRO B 123 28.02 14.21 -28.16
CA PRO B 123 27.24 13.94 -26.95
C PRO B 123 25.76 13.72 -27.27
N SER B 124 25.10 12.96 -26.39
CA SER B 124 23.73 12.54 -26.64
C SER B 124 22.78 13.72 -26.75
N LEU B 125 21.88 13.67 -27.72
CA LEU B 125 20.72 14.55 -27.69
C LEU B 125 19.82 14.16 -26.54
N TRP B 126 19.42 15.16 -25.74
CA TRP B 126 18.71 14.93 -24.49
C TRP B 126 17.31 15.52 -24.61
N LEU B 127 16.29 14.69 -24.44
CA LEU B 127 14.90 15.12 -24.58
C LEU B 127 14.11 14.77 -23.34
N ASN B 128 13.26 15.69 -22.92
CA ASN B 128 12.27 15.45 -21.87
C ASN B 128 10.90 15.40 -22.54
N LEU B 129 10.33 14.19 -22.63
CA LEU B 129 9.00 13.99 -23.20
C LEU B 129 7.97 14.27 -22.11
N GLU B 130 7.32 15.42 -22.21
CA GLU B 130 6.46 15.89 -21.13
C GLU B 130 5.07 15.25 -21.20
N TYR B 131 4.28 15.52 -20.17
CA TYR B 131 2.90 15.06 -20.11
C TYR B 131 2.06 15.71 -21.20
N LEU B 132 0.99 15.00 -21.59
CA LEU B 132 0.08 15.48 -22.62
C LEU B 132 -0.93 16.44 -22.02
N SER B 133 -1.16 17.56 -22.71
CA SER B 133 -2.12 18.56 -22.27
C SER B 133 -2.61 19.35 -23.47
N ALA B 134 -3.89 19.73 -23.42
CA ALA B 134 -4.50 20.57 -24.44
C ALA B 134 -4.41 22.05 -24.14
N GLU B 135 -3.78 22.42 -23.03
CA GLU B 135 -3.61 23.84 -22.71
C GLU B 135 -2.70 24.49 -23.74
N GLU B 136 -2.93 25.79 -23.97
CA GLU B 136 -2.16 26.50 -24.99
C GLU B 136 -0.72 26.75 -24.56
N TRP B 137 -0.42 26.72 -23.26
CA TRP B 137 0.92 27.10 -22.81
C TRP B 137 1.99 26.12 -23.27
N ILE B 138 1.65 24.87 -23.54
CA ILE B 138 2.66 23.90 -23.96
C ILE B 138 3.28 24.29 -25.29
N GLY B 139 2.55 25.04 -26.11
CA GLY B 139 3.09 25.45 -27.40
C GLY B 139 4.24 26.43 -27.27
N SER B 140 4.23 27.27 -26.25
CA SER B 140 5.33 28.21 -26.03
C SER B 140 6.56 27.52 -25.48
N CYS B 141 6.42 26.29 -24.96
CA CYS B 141 7.54 25.57 -24.37
C CYS B 141 8.03 24.41 -25.22
N HIS B 142 7.26 23.97 -26.20
CA HIS B 142 7.65 22.83 -27.02
C HIS B 142 8.88 23.13 -27.85
N ALA B 143 9.81 22.17 -27.89
CA ALA B 143 11.04 22.23 -28.67
C ALA B 143 12.02 23.30 -28.18
N LEU B 144 11.75 23.91 -27.03
CA LEU B 144 12.70 24.86 -26.48
C LEU B 144 13.85 24.15 -25.80
N PRO B 145 15.03 24.75 -25.79
CA PRO B 145 16.16 24.13 -25.10
C PRO B 145 16.08 24.32 -23.60
N SER B 146 16.68 23.37 -22.89
CA SER B 146 16.87 23.46 -21.44
C SER B 146 18.37 23.58 -21.22
N LEU B 147 18.84 24.80 -20.94
CA LEU B 147 20.27 25.07 -20.86
C LEU B 147 20.87 24.38 -19.65
N GLN B 148 21.88 23.55 -19.89
CA GLN B 148 22.55 22.80 -18.84
C GLN B 148 23.92 23.40 -18.56
N ALA B 149 24.39 23.22 -17.32
CA ALA B 149 25.71 23.71 -16.95
C ALA B 149 26.80 23.01 -17.74
N CYS B 150 26.65 21.71 -17.96
CA CYS B 150 27.64 20.92 -18.69
C CYS B 150 27.55 21.09 -20.19
N GLY B 151 26.57 21.86 -20.69
CA GLY B 151 26.45 22.12 -22.11
C GLY B 151 25.76 21.05 -22.91
N LEU B 152 25.27 19.98 -22.28
CA LEU B 152 24.51 18.97 -23.00
C LEU B 152 23.27 19.61 -23.64
N SER B 153 22.95 19.16 -24.86
CA SER B 153 21.83 19.72 -25.61
C SER B 153 20.54 19.06 -25.14
N LYS B 154 19.86 19.71 -24.19
CA LYS B 154 18.58 19.24 -23.69
C LYS B 154 17.45 20.10 -24.24
N TYR B 155 16.36 19.44 -24.64
CA TYR B 155 15.17 20.10 -25.13
C TYR B 155 13.94 19.46 -24.50
N PHE B 156 12.86 20.24 -24.39
CA PHE B 156 11.57 19.72 -23.96
C PHE B 156 10.72 19.42 -25.19
N PHE B 157 10.05 18.26 -25.15
CA PHE B 157 9.21 17.80 -26.25
C PHE B 157 7.81 17.57 -25.69
N PHE B 158 6.86 18.43 -26.08
CA PHE B 158 5.49 18.36 -25.58
C PHE B 158 4.58 17.73 -26.61
N PRO B 159 3.92 16.61 -26.32
CA PRO B 159 2.81 16.18 -27.18
C PRO B 159 1.65 17.15 -27.07
N GLY B 160 0.87 17.25 -28.15
CA GLY B 160 -0.21 18.21 -28.16
C GLY B 160 -1.25 17.91 -29.21
N PHE B 161 -2.41 18.53 -29.04
CA PHE B 161 -3.53 18.39 -29.96
C PHE B 161 -3.57 19.48 -31.02
N ARG B 162 -2.68 20.46 -30.95
CA ARG B 162 -2.66 21.57 -31.88
C ARG B 162 -1.21 21.98 -32.13
N GLU B 163 -1.04 22.86 -33.13
CA GLU B 163 0.30 23.35 -33.39
C GLU B 163 0.52 24.69 -32.69
N PRO B 164 1.74 24.97 -32.19
CA PRO B 164 2.90 24.07 -32.23
C PRO B 164 2.96 23.08 -31.07
N SER B 165 3.37 21.85 -31.36
CA SER B 165 3.54 20.80 -30.36
C SER B 165 4.23 19.63 -31.04
N GLY B 166 4.50 18.57 -30.27
CA GLY B 166 5.08 17.36 -30.78
C GLY B 166 4.07 16.38 -31.34
N GLY B 167 2.81 16.76 -31.47
CA GLY B 167 1.81 15.86 -31.99
C GLY B 167 1.41 14.76 -31.01
N LEU B 168 0.89 13.68 -31.58
CA LEU B 168 0.37 12.56 -30.81
C LEU B 168 0.90 11.25 -31.37
N LEU B 169 1.10 10.27 -30.49
CA LEU B 169 1.50 8.95 -30.94
C LEU B 169 0.41 8.33 -31.81
N ARG B 170 0.82 7.83 -32.97
CA ARG B 170 -0.12 7.18 -33.90
C ARG B 170 0.70 6.29 -34.82
N GLU B 171 0.40 5.00 -34.82
CA GLU B 171 1.12 4.06 -35.66
C GLU B 171 0.74 4.26 -37.13
N ALA B 172 1.65 3.83 -38.00
CA ALA B 172 1.45 3.99 -39.43
C ALA B 172 0.26 3.14 -39.89
N GLY B 173 -0.65 3.77 -40.62
CA GLY B 173 -1.83 3.06 -41.09
C GLY B 173 -2.83 2.71 -40.02
N LEU B 174 -2.78 3.38 -38.87
CA LEU B 174 -3.67 3.03 -37.77
C LEU B 174 -5.13 3.31 -38.11
N LEU B 175 -5.41 4.50 -38.67
CA LEU B 175 -6.79 4.84 -38.98
C LEU B 175 -7.33 4.00 -40.13
N GLU B 176 -6.47 3.60 -41.07
CA GLU B 176 -6.94 2.76 -42.17
C GLU B 176 -7.34 1.38 -41.66
N ARG B 177 -6.58 0.83 -40.70
CA ARG B 177 -6.95 -0.47 -40.15
C ARG B 177 -8.20 -0.37 -39.28
N ARG B 178 -8.40 0.77 -38.61
CA ARG B 178 -9.58 0.92 -37.77
C ARG B 178 -10.85 1.01 -38.61
N ARG B 179 -10.81 1.76 -39.71
CA ARG B 179 -11.98 1.85 -40.59
C ARG B 179 -12.33 0.49 -41.17
N ARG B 180 -11.33 -0.27 -41.63
CA ARG B 180 -11.58 -1.61 -42.12
C ARG B 180 -12.13 -2.51 -41.03
N PHE B 181 -11.64 -2.34 -39.79
CA PHE B 181 -12.11 -3.16 -38.68
C PHE B 181 -13.56 -2.82 -38.33
N GLN B 182 -13.90 -1.52 -38.32
CA GLN B 182 -15.26 -1.10 -37.98
C GLN B 182 -16.24 -1.35 -39.11
N ALA B 183 -15.77 -1.43 -40.35
CA ALA B 183 -16.64 -1.73 -41.48
C ALA B 183 -16.86 -3.23 -41.69
N SER B 184 -16.21 -4.08 -40.89
CA SER B 184 -16.32 -5.52 -41.00
C SER B 184 -17.00 -6.05 -39.74
N VAL B 185 -18.28 -6.42 -39.87
CA VAL B 185 -18.99 -7.03 -38.75
C VAL B 185 -18.34 -8.37 -38.37
N SER B 186 -17.78 -9.07 -39.35
CA SER B 186 -17.13 -10.35 -39.07
C SER B 186 -15.90 -10.17 -38.18
N ALA B 187 -15.09 -9.16 -38.46
CA ALA B 187 -13.86 -8.94 -37.68
C ALA B 187 -14.19 -8.57 -36.24
N GLN B 188 -15.24 -7.78 -36.04
CA GLN B 188 -15.60 -7.40 -34.67
C GLN B 188 -16.15 -8.59 -33.89
N ASP B 189 -17.06 -9.35 -34.51
CA ASP B 189 -17.61 -10.52 -33.82
C ASP B 189 -16.54 -11.57 -33.57
N GLU B 190 -15.61 -11.73 -34.51
CA GLU B 190 -14.51 -12.66 -34.30
C GLU B 190 -13.61 -12.21 -33.16
N PHE B 191 -13.27 -10.91 -33.12
CA PHE B 191 -12.42 -10.41 -32.04
C PHE B 191 -13.13 -10.49 -30.70
N LEU B 192 -14.40 -10.06 -30.64
CA LEU B 192 -15.14 -10.12 -29.40
C LEU B 192 -15.28 -11.55 -28.91
N ALA B 193 -15.43 -12.51 -29.83
CA ALA B 193 -15.52 -13.91 -29.45
C ALA B 193 -14.23 -14.40 -28.80
N SER B 194 -13.07 -13.89 -29.25
CA SER B 194 -11.81 -14.28 -28.63
C SER B 194 -11.70 -13.81 -27.19
N LEU B 195 -12.51 -12.82 -26.80
CA LEU B 195 -12.61 -12.40 -25.41
C LEU B 195 -13.74 -13.08 -24.66
N GLY B 196 -14.49 -13.96 -25.33
CA GLY B 196 -15.65 -14.57 -24.72
C GLY B 196 -16.90 -13.71 -24.75
N VAL B 197 -16.93 -12.67 -25.58
CA VAL B 197 -18.03 -11.71 -25.63
C VAL B 197 -18.86 -11.98 -26.86
N ARG B 198 -20.19 -12.05 -26.68
CA ARG B 198 -21.13 -12.18 -27.79
C ARG B 198 -22.20 -11.12 -27.62
N ARG B 199 -22.24 -10.16 -28.56
CA ARG B 199 -23.19 -9.06 -28.48
C ARG B 199 -24.60 -9.54 -28.82
N LYS B 200 -25.59 -8.96 -28.16
CA LYS B 200 -26.98 -9.25 -28.44
C LYS B 200 -27.57 -8.21 -29.40
N VAL B 201 -28.76 -8.49 -29.89
CA VAL B 201 -29.42 -7.59 -30.83
C VAL B 201 -29.83 -6.32 -30.12
N GLY B 202 -29.60 -5.18 -30.78
CA GLY B 202 -29.94 -3.88 -30.22
C GLY B 202 -29.12 -3.46 -29.02
N GLU B 203 -28.12 -4.24 -28.63
CA GLU B 203 -27.31 -3.96 -27.46
C GLU B 203 -26.13 -3.08 -27.86
N ARG B 204 -25.94 -1.97 -27.15
CA ARG B 204 -24.82 -1.09 -27.40
C ARG B 204 -23.64 -1.44 -26.51
N LEU B 205 -22.43 -1.27 -27.05
CA LEU B 205 -21.20 -1.63 -26.37
C LEU B 205 -20.58 -0.42 -25.68
N ILE B 206 -20.24 -0.58 -24.41
CA ILE B 206 -19.58 0.45 -23.61
C ILE B 206 -18.41 -0.20 -22.89
N SER B 207 -17.22 0.39 -23.01
CA SER B 207 -16.05 -0.05 -22.27
C SER B 207 -15.80 0.89 -21.10
N LEU B 208 -15.28 0.33 -20.01
CA LEU B 208 -15.09 1.08 -18.77
C LEU B 208 -13.63 0.98 -18.34
N PHE B 209 -12.97 2.13 -18.28
CA PHE B 209 -11.58 2.22 -17.81
C PHE B 209 -11.46 3.59 -17.14
N ALA B 210 -11.25 3.59 -15.82
CA ALA B 210 -11.35 4.83 -15.06
C ALA B 210 -10.64 4.65 -13.72
N TYR B 211 -10.57 5.74 -12.96
CA TYR B 211 -10.10 5.70 -11.59
C TYR B 211 -11.30 5.50 -10.66
N GLU B 212 -11.09 5.65 -9.35
CA GLU B 212 -12.19 5.64 -8.41
C GLU B 212 -13.15 6.77 -8.75
N ASN B 213 -14.42 6.44 -8.94
CA ASN B 213 -15.35 7.45 -9.41
C ASN B 213 -16.68 7.35 -8.70
N PRO B 214 -17.00 8.31 -7.82
CA PRO B 214 -18.29 8.25 -7.11
C PRO B 214 -19.50 8.40 -8.01
N ALA B 215 -19.33 8.81 -9.26
CA ALA B 215 -20.42 8.91 -10.22
C ALA B 215 -20.72 7.60 -10.93
N LEU B 216 -19.90 6.57 -10.72
CA LEU B 216 -20.13 5.29 -11.39
C LEU B 216 -21.45 4.64 -11.00
N PRO B 217 -21.82 4.51 -9.70
CA PRO B 217 -23.10 3.84 -9.40
C PRO B 217 -24.30 4.52 -10.04
N GLY B 218 -24.36 5.86 -9.97
CA GLY B 218 -25.45 6.56 -10.61
C GLY B 218 -25.53 6.31 -12.11
N TRP B 219 -24.36 6.21 -12.76
CA TRP B 219 -24.35 5.92 -14.19
C TRP B 219 -24.85 4.51 -14.48
N LEU B 220 -24.39 3.53 -13.70
CA LEU B 220 -24.84 2.16 -13.90
C LEU B 220 -26.35 2.04 -13.73
N GLU B 221 -26.92 2.78 -12.77
CA GLU B 221 -28.36 2.73 -12.56
C GLU B 221 -29.14 3.37 -13.70
N GLN B 222 -28.52 4.27 -14.45
CA GLN B 222 -29.19 4.84 -15.61
C GLN B 222 -29.03 3.94 -16.83
N LEU B 223 -27.92 3.21 -16.94
CA LEU B 223 -27.82 2.19 -17.98
C LEU B 223 -28.75 1.01 -17.67
N ARG B 224 -28.96 0.72 -16.38
CA ARG B 224 -29.85 -0.36 -16.00
C ARG B 224 -31.31 -0.06 -16.36
N ASP B 225 -31.74 1.18 -16.10
CA ASP B 225 -33.14 1.57 -16.26
C ASP B 225 -33.45 2.16 -17.62
N ALA B 226 -32.48 2.19 -18.54
CA ALA B 226 -32.70 2.76 -19.85
C ALA B 226 -33.61 1.84 -20.68
N ARG B 227 -34.14 2.40 -21.77
CA ARG B 227 -34.94 1.60 -22.70
C ARG B 227 -34.07 0.79 -23.65
N GLN B 228 -32.90 1.33 -24.03
CA GLN B 228 -31.99 0.58 -24.90
C GLN B 228 -31.01 -0.22 -24.07
N PRO B 229 -30.85 -1.52 -24.33
CA PRO B 229 -29.92 -2.32 -23.53
C PRO B 229 -28.47 -1.98 -23.81
N SER B 230 -27.62 -2.27 -22.83
CA SER B 230 -26.20 -1.99 -22.95
C SER B 230 -25.40 -3.19 -22.45
N LEU B 231 -24.24 -3.39 -23.06
CA LEU B 231 -23.26 -4.38 -22.61
C LEU B 231 -22.02 -3.62 -22.15
N LEU B 232 -21.77 -3.64 -20.85
CA LEU B 232 -20.64 -2.91 -20.26
C LEU B 232 -19.45 -3.87 -20.15
N LEU B 233 -18.43 -3.63 -20.96
CA LEU B 233 -17.21 -4.44 -20.95
C LEU B 233 -16.17 -3.76 -20.07
N VAL B 234 -15.70 -4.46 -19.05
CA VAL B 234 -14.85 -3.89 -18.02
C VAL B 234 -13.56 -4.70 -17.94
N PRO B 235 -12.46 -4.18 -18.48
CA PRO B 235 -11.17 -4.83 -18.26
C PRO B 235 -10.81 -4.83 -16.79
N GLU B 236 -10.15 -5.90 -16.36
CA GLU B 236 -9.90 -6.07 -14.93
C GLU B 236 -9.03 -4.95 -14.39
N GLY B 237 -9.32 -4.56 -13.14
CA GLY B 237 -8.64 -3.45 -12.51
C GLY B 237 -9.29 -3.13 -11.18
N ARG B 238 -8.88 -2.00 -10.60
CA ARG B 238 -9.46 -1.60 -9.32
C ARG B 238 -10.95 -1.32 -9.44
N VAL B 239 -11.41 -0.96 -10.64
CA VAL B 239 -12.81 -0.60 -10.85
C VAL B 239 -13.74 -1.78 -10.57
N LEU B 240 -13.24 -3.01 -10.66
CA LEU B 240 -14.09 -4.18 -10.41
C LEU B 240 -14.65 -4.17 -9.00
N ALA B 241 -13.92 -3.59 -8.04
CA ALA B 241 -14.43 -3.53 -6.68
C ALA B 241 -15.67 -2.66 -6.59
N ASP B 242 -15.73 -1.58 -7.35
CA ASP B 242 -16.89 -0.70 -7.32
C ASP B 242 -18.04 -1.27 -8.14
N VAL B 243 -17.73 -1.93 -9.26
CA VAL B 243 -18.76 -2.60 -10.04
C VAL B 243 -19.37 -3.75 -9.24
N ALA B 244 -18.53 -4.51 -8.54
CA ALA B 244 -19.02 -5.62 -7.72
C ALA B 244 -19.91 -5.11 -6.60
N ASP B 245 -19.53 -4.01 -5.96
CA ASP B 245 -20.36 -3.43 -4.91
C ASP B 245 -21.74 -3.06 -5.45
N TRP B 246 -21.79 -2.46 -6.64
CA TRP B 246 -23.08 -2.11 -7.23
C TRP B 246 -23.86 -3.37 -7.62
N LEU B 247 -23.17 -4.37 -8.15
CA LEU B 247 -23.81 -5.64 -8.46
C LEU B 247 -24.14 -6.43 -7.20
N ARG B 248 -23.55 -6.07 -6.06
CA ARG B 248 -23.71 -6.77 -4.79
C ARG B 248 -23.26 -8.22 -4.91
N VAL B 249 -22.07 -8.40 -5.46
CA VAL B 249 -21.37 -9.67 -5.45
C VAL B 249 -20.04 -9.47 -4.73
N ALA B 250 -19.50 -10.57 -4.20
CA ALA B 250 -18.25 -10.50 -3.46
C ALA B 250 -17.10 -10.03 -4.35
N THR B 251 -16.86 -10.75 -5.44
CA THR B 251 -15.78 -10.43 -6.37
C THR B 251 -16.25 -10.66 -7.78
N LEU B 252 -15.46 -10.17 -8.74
CA LEU B 252 -15.72 -10.37 -10.16
C LEU B 252 -14.50 -11.03 -10.79
N ALA B 253 -14.74 -12.10 -11.55
CA ALA B 253 -13.68 -12.83 -12.23
C ALA B 253 -13.82 -12.65 -13.73
N VAL B 254 -12.67 -12.72 -14.42
CA VAL B 254 -12.66 -12.62 -15.88
C VAL B 254 -13.60 -13.66 -16.46
N GLY B 255 -14.51 -13.23 -17.33
CA GLY B 255 -15.49 -14.11 -17.94
C GLY B 255 -16.86 -14.06 -17.30
N ASP B 256 -16.99 -13.45 -16.13
CA ASP B 256 -18.30 -13.36 -15.48
C ASP B 256 -19.23 -12.43 -16.24
N VAL B 257 -20.48 -12.86 -16.39
CA VAL B 257 -21.53 -12.07 -17.04
C VAL B 257 -22.65 -11.87 -16.03
N HIS B 258 -23.01 -10.62 -15.79
CA HIS B 258 -24.09 -10.27 -14.89
C HIS B 258 -25.08 -9.36 -15.60
N VAL B 259 -26.37 -9.53 -15.31
CA VAL B 259 -27.44 -8.78 -15.96
C VAL B 259 -28.26 -8.08 -14.89
N ARG B 260 -28.48 -6.78 -15.07
CA ARG B 260 -29.37 -6.00 -14.23
C ARG B 260 -30.30 -5.22 -15.18
N ASP B 261 -31.50 -5.77 -15.40
CA ASP B 261 -32.50 -5.18 -16.29
C ASP B 261 -31.87 -5.02 -17.68
N ALA B 262 -31.74 -3.81 -18.20
CA ALA B 262 -31.19 -3.58 -19.53
C ALA B 262 -29.66 -3.51 -19.56
N LEU B 263 -29.01 -3.62 -18.40
CA LEU B 263 -27.56 -3.52 -18.31
C LEU B 263 -26.94 -4.90 -18.17
N ARG B 264 -25.99 -5.22 -19.04
CA ARG B 264 -25.24 -6.46 -18.97
C ARG B 264 -23.78 -6.11 -18.73
N VAL B 265 -23.19 -6.64 -17.66
CA VAL B 265 -21.81 -6.37 -17.29
C VAL B 265 -20.99 -7.64 -17.52
N GLN B 266 -19.91 -7.52 -18.27
CA GLN B 266 -18.98 -8.62 -18.50
C GLN B 266 -17.56 -8.16 -18.22
N VAL B 267 -16.85 -8.92 -17.41
CA VAL B 267 -15.49 -8.58 -17.02
C VAL B 267 -14.52 -9.13 -18.05
N LEU B 268 -13.61 -8.28 -18.52
CA LEU B 268 -12.60 -8.65 -19.50
C LEU B 268 -11.23 -8.78 -18.83
N PRO B 269 -10.33 -9.58 -19.39
CA PRO B 269 -8.95 -9.58 -18.90
C PRO B 269 -8.23 -8.32 -19.33
N PHE B 270 -7.20 -7.97 -18.57
CA PHE B 270 -6.32 -6.89 -18.98
C PHE B 270 -5.53 -7.35 -20.21
N MET B 271 -5.85 -6.79 -21.37
CA MET B 271 -5.39 -7.30 -22.64
C MET B 271 -4.18 -6.53 -23.15
N ALA B 272 -3.55 -7.09 -24.18
CA ALA B 272 -2.42 -6.44 -24.83
C ALA B 272 -2.86 -5.11 -25.45
N GLN B 273 -1.88 -4.23 -25.68
CA GLN B 273 -2.17 -2.87 -26.13
C GLN B 273 -2.95 -2.88 -27.44
N ASP B 274 -2.54 -3.72 -28.40
CA ASP B 274 -3.23 -3.76 -29.68
C ASP B 274 -4.65 -4.31 -29.53
N ASP B 275 -4.84 -5.30 -28.65
CA ASP B 275 -6.17 -5.83 -28.42
C ASP B 275 -7.06 -4.81 -27.74
N TYR B 276 -6.50 -3.95 -26.88
CA TYR B 276 -7.29 -2.90 -26.25
C TYR B 276 -7.77 -1.88 -27.29
N ASP B 277 -6.96 -1.59 -28.31
CA ASP B 277 -7.43 -0.76 -29.41
C ASP B 277 -8.66 -1.39 -30.07
N ARG B 278 -8.59 -2.69 -30.38
CA ARG B 278 -9.69 -3.36 -31.05
C ARG B 278 -10.95 -3.38 -30.19
N LEU B 279 -10.79 -3.44 -28.86
CA LEU B 279 -11.94 -3.28 -27.98
C LEU B 279 -12.54 -1.89 -28.12
N LEU B 280 -11.70 -0.86 -28.08
CA LEU B 280 -12.17 0.51 -28.27
C LEU B 280 -12.82 0.68 -29.65
N TRP B 281 -12.35 -0.08 -30.64
CA TRP B 281 -12.93 0.02 -31.98
C TRP B 281 -14.30 -0.64 -32.08
N CYS B 282 -14.64 -1.54 -31.15
CA CYS B 282 -15.92 -2.23 -31.18
C CYS B 282 -17.04 -1.45 -30.50
N CYS B 283 -16.70 -0.58 -29.56
CA CYS B 283 -17.70 -0.02 -28.66
C CYS B 283 -18.32 1.26 -29.22
N ASP B 284 -19.57 1.51 -28.81
CA ASP B 284 -20.26 2.74 -29.15
C ASP B 284 -19.84 3.90 -28.27
N LEU B 285 -19.33 3.62 -27.08
CA LEU B 285 -18.84 4.63 -26.16
C LEU B 285 -17.71 4.02 -25.35
N ASN B 286 -16.63 4.79 -25.18
CA ASN B 286 -15.43 4.31 -24.49
C ASN B 286 -15.12 5.23 -23.33
N ALA B 287 -15.24 4.72 -22.10
CA ALA B 287 -14.84 5.45 -20.92
C ALA B 287 -13.37 5.16 -20.67
N VAL B 288 -12.52 6.17 -20.81
CA VAL B 288 -11.07 6.00 -20.66
C VAL B 288 -10.56 6.97 -19.61
N ARG B 289 -9.25 7.03 -19.45
CA ARG B 289 -8.64 7.81 -18.37
C ARG B 289 -7.21 8.17 -18.78
N GLY B 290 -6.53 8.89 -17.89
CA GLY B 290 -5.11 9.12 -18.04
C GLY B 290 -4.77 9.90 -19.29
N GLU B 291 -3.87 9.36 -20.10
CA GLU B 291 -3.39 10.03 -21.30
C GLU B 291 -3.36 9.13 -22.52
N ASP B 292 -2.88 7.89 -22.39
CA ASP B 292 -2.73 7.04 -23.56
C ASP B 292 -4.08 6.51 -24.04
N SER B 293 -4.81 5.81 -23.17
CA SER B 293 -6.14 5.34 -23.56
C SER B 293 -7.04 6.50 -23.95
N PHE B 294 -6.82 7.67 -23.36
CA PHE B 294 -7.53 8.88 -23.78
C PHE B 294 -7.33 9.15 -25.27
N VAL B 295 -6.08 9.04 -25.75
CA VAL B 295 -5.81 9.28 -27.17
C VAL B 295 -6.30 8.11 -28.02
N ARG B 296 -6.11 6.88 -27.54
CA ARG B 296 -6.54 5.72 -28.31
C ARG B 296 -8.05 5.71 -28.53
N ALA B 297 -8.82 6.19 -27.55
CA ALA B 297 -10.25 6.34 -27.73
C ALA B 297 -10.59 7.37 -28.79
N GLN B 298 -9.72 8.36 -28.98
CA GLN B 298 -9.95 9.36 -30.02
C GLN B 298 -9.60 8.80 -31.40
N TRP B 299 -8.57 7.96 -31.49
CA TRP B 299 -8.27 7.30 -32.75
C TRP B 299 -9.37 6.33 -33.16
N ALA B 300 -10.08 5.77 -32.18
CA ALA B 300 -11.17 4.84 -32.47
C ALA B 300 -12.34 5.50 -33.20
N GLY B 301 -12.40 6.82 -33.25
CA GLY B 301 -13.49 7.49 -33.94
C GLY B 301 -14.85 7.21 -33.35
N ARG B 302 -14.93 7.08 -32.04
CA ARG B 302 -16.16 6.78 -31.32
C ARG B 302 -16.30 7.76 -30.17
N PRO B 303 -17.53 7.96 -29.68
CA PRO B 303 -17.72 8.77 -28.47
C PRO B 303 -16.87 8.25 -27.33
N LEU B 304 -16.45 9.15 -26.45
CA LEU B 304 -15.60 8.77 -25.34
C LEU B 304 -15.98 9.54 -24.08
N LEU B 305 -15.58 8.98 -22.94
CA LEU B 305 -15.71 9.62 -21.64
C LEU B 305 -14.35 9.60 -20.96
N TRP B 306 -13.91 10.75 -20.48
CA TRP B 306 -12.54 10.92 -19.99
C TRP B 306 -12.56 11.16 -18.48
N HIS B 307 -11.91 10.25 -17.74
CA HIS B 307 -11.64 10.45 -16.32
C HIS B 307 -10.21 10.96 -16.21
N ILE B 308 -10.05 12.27 -16.09
CA ILE B 308 -8.71 12.85 -16.06
C ILE B 308 -8.04 12.56 -14.72
N TYR B 309 -6.73 12.40 -14.75
CA TYR B 309 -5.96 12.13 -13.54
C TYR B 309 -6.05 13.34 -12.59
N ARG B 310 -6.55 13.09 -11.38
CA ARG B 310 -6.77 14.16 -10.43
C ARG B 310 -5.45 14.69 -9.89
N GLN B 311 -5.32 16.01 -9.85
CA GLN B 311 -4.16 16.69 -9.31
C GLN B 311 -4.57 17.55 -8.12
N GLU B 312 -3.58 18.13 -7.46
CA GLU B 312 -3.85 19.00 -6.32
C GLU B 312 -4.32 20.38 -6.78
N GLU B 313 -5.09 21.04 -5.91
CA GLU B 313 -5.61 22.39 -6.16
C GLU B 313 -6.43 22.46 -7.44
N GLU B 314 -7.07 21.35 -7.82
CA GLU B 314 -7.93 21.27 -9.00
C GLU B 314 -7.19 21.67 -10.27
N THR B 315 -5.87 21.42 -10.31
CA THR B 315 -5.08 21.73 -11.49
C THR B 315 -5.58 20.98 -12.73
N HIS B 316 -6.06 19.75 -12.53
CA HIS B 316 -6.56 18.96 -13.65
C HIS B 316 -7.82 19.55 -14.28
N LEU B 317 -8.55 20.41 -13.55
CA LEU B 317 -9.77 20.98 -14.11
C LEU B 317 -9.47 21.90 -15.29
N ALA B 318 -8.41 22.70 -15.20
CA ALA B 318 -8.04 23.55 -16.33
C ALA B 318 -7.63 22.73 -17.54
N LYS B 319 -7.01 21.56 -17.31
CA LYS B 319 -6.64 20.69 -18.43
C LYS B 319 -7.88 20.05 -19.05
N LEU B 320 -8.83 19.63 -18.21
CA LEU B 320 -10.09 19.09 -18.73
C LEU B 320 -10.82 20.12 -19.57
N GLU B 321 -10.90 21.37 -19.08
CA GLU B 321 -11.58 22.42 -19.82
C GLU B 321 -10.85 22.76 -21.12
N ALA B 322 -9.52 22.68 -21.13
CA ALA B 322 -8.78 23.01 -22.34
C ALA B 322 -9.10 22.02 -23.47
N PHE B 323 -9.17 20.72 -23.15
CA PHE B 323 -9.52 19.76 -24.18
C PHE B 323 -10.96 19.91 -24.61
N LEU B 324 -11.87 20.17 -23.67
CA LEU B 324 -13.28 20.32 -24.02
C LEU B 324 -13.48 21.50 -24.97
N GLU B 325 -12.80 22.62 -24.73
CA GLU B 325 -12.94 23.77 -25.61
C GLU B 325 -12.48 23.44 -27.02
N LEU B 326 -11.38 22.69 -27.15
CA LEU B 326 -10.89 22.30 -28.47
C LEU B 326 -11.75 21.22 -29.10
N TYR B 327 -12.21 20.25 -28.29
CA TYR B 327 -12.97 19.14 -28.82
C TYR B 327 -14.38 19.56 -29.24
N CYS B 328 -15.01 20.43 -28.47
CA CYS B 328 -16.37 20.87 -28.72
C CYS B 328 -16.44 22.06 -29.69
N ALA B 329 -15.36 22.35 -30.41
CA ALA B 329 -15.32 23.53 -31.26
C ALA B 329 -16.32 23.41 -32.42
N GLY B 330 -16.38 22.25 -33.06
CA GLY B 330 -17.26 22.04 -34.20
C GLY B 330 -18.55 21.30 -33.91
N LEU B 331 -18.92 21.10 -32.62
CA LEU B 331 -20.11 20.33 -32.28
C LEU B 331 -21.35 21.22 -32.26
N PRO B 332 -22.52 20.65 -32.53
CA PRO B 332 -23.78 21.39 -32.33
C PRO B 332 -23.94 21.80 -30.87
N ALA B 333 -24.77 22.82 -30.67
CA ALA B 333 -24.85 23.47 -29.37
C ALA B 333 -25.26 22.50 -28.27
N ASP B 334 -26.33 21.73 -28.49
CA ASP B 334 -26.86 20.88 -27.42
C ASP B 334 -26.01 19.65 -27.19
N LEU B 335 -25.39 19.10 -28.23
CA LEU B 335 -24.44 18.01 -28.03
C LEU B 335 -23.24 18.47 -27.22
N ALA B 336 -22.73 19.67 -27.53
CA ALA B 336 -21.59 20.19 -26.79
C ALA B 336 -21.95 20.48 -25.34
N GLU B 337 -23.15 21.00 -25.11
CA GLU B 337 -23.57 21.33 -23.74
C GLU B 337 -23.67 20.08 -22.88
N ASN B 338 -24.31 19.02 -23.41
CA ASN B 338 -24.47 17.79 -22.65
C ASN B 338 -23.14 17.08 -22.46
N LEU B 339 -22.23 17.17 -23.43
CA LEU B 339 -20.93 16.54 -23.30
C LEU B 339 -20.12 17.20 -22.19
N ARG B 340 -20.13 18.54 -22.13
CA ARG B 340 -19.35 19.24 -21.11
C ARG B 340 -19.87 18.94 -19.71
N THR B 341 -21.19 19.01 -19.53
CA THR B 341 -21.76 18.78 -18.20
C THR B 341 -21.60 17.32 -17.76
N PHE B 342 -21.67 16.39 -18.71
CA PHE B 342 -21.44 14.99 -18.35
C PHE B 342 -20.00 14.72 -17.97
N TRP B 343 -19.04 15.26 -18.73
CA TRP B 343 -17.64 15.09 -18.39
C TRP B 343 -17.31 15.76 -17.06
N LEU B 344 -17.81 16.97 -16.85
CA LEU B 344 -17.60 17.65 -15.57
C LEU B 344 -18.16 16.82 -14.42
N ALA B 345 -19.35 16.25 -14.59
CA ALA B 345 -19.92 15.40 -13.54
C ALA B 345 -19.09 14.15 -13.32
N TRP B 346 -18.56 13.58 -14.41
CA TRP B 346 -17.74 12.38 -14.30
C TRP B 346 -16.42 12.66 -13.58
N ASN B 347 -16.00 13.92 -13.49
CA ASN B 347 -14.72 14.28 -12.89
C ASN B 347 -14.86 15.12 -11.62
N ALA B 348 -16.06 15.23 -11.04
CA ALA B 348 -16.23 16.06 -9.86
C ALA B 348 -17.48 15.69 -9.08
N GLY B 349 -17.37 14.70 -8.19
CA GLY B 349 -18.45 14.35 -7.30
C GLY B 349 -19.45 13.35 -7.86
N GLY B 350 -20.74 13.60 -7.61
CA GLY B 350 -21.78 12.71 -8.07
C GLY B 350 -22.06 12.82 -9.56
N GLY B 351 -22.94 11.94 -10.03
CA GLY B 351 -23.26 11.88 -11.45
C GLY B 351 -24.48 12.72 -11.80
N LEU B 352 -24.36 13.47 -12.89
CA LEU B 352 -25.46 14.29 -13.38
C LEU B 352 -26.37 13.43 -14.25
N ALA B 353 -27.63 13.31 -13.84
CA ALA B 353 -28.59 12.50 -14.59
C ALA B 353 -28.98 13.17 -15.90
N GLY B 354 -29.32 14.46 -15.85
CA GLY B 354 -29.75 15.16 -17.05
C GLY B 354 -28.67 15.27 -18.10
N ALA B 355 -27.41 15.28 -17.69
CA ALA B 355 -26.32 15.33 -18.66
C ALA B 355 -26.28 14.06 -19.50
N TRP B 356 -26.22 12.89 -18.85
CA TRP B 356 -26.18 11.63 -19.60
C TRP B 356 -27.49 11.39 -20.34
N GLU B 357 -28.62 11.76 -19.74
CA GLU B 357 -29.92 11.50 -20.35
C GLU B 357 -30.03 12.18 -21.71
N GLY B 358 -29.60 13.43 -21.80
CA GLY B 358 -29.59 14.11 -23.08
C GLY B 358 -28.50 13.61 -24.00
N LEU B 359 -27.33 13.26 -23.43
CA LEU B 359 -26.24 12.77 -24.26
C LEU B 359 -26.52 11.39 -24.82
N GLU B 360 -27.35 10.59 -24.12
CA GLU B 360 -27.66 9.24 -24.58
C GLU B 360 -28.38 9.24 -25.92
N ARG B 361 -29.21 10.25 -26.18
CA ARG B 361 -29.97 10.34 -27.41
C ARG B 361 -29.13 10.81 -28.60
N GLN B 362 -27.87 11.18 -28.39
CA GLN B 362 -27.06 11.84 -29.40
C GLN B 362 -25.84 11.02 -29.81
N LEU B 363 -25.81 9.73 -29.47
CA LEU B 363 -24.63 8.93 -29.78
C LEU B 363 -24.32 8.84 -31.27
N PRO B 364 -25.29 8.58 -32.17
CA PRO B 364 -24.95 8.58 -33.60
C PRO B 364 -24.44 9.93 -34.10
N GLU B 365 -25.04 11.04 -33.65
CA GLU B 365 -24.53 12.34 -34.03
C GLU B 365 -23.14 12.59 -33.45
N TRP B 366 -22.94 12.19 -32.19
CA TRP B 366 -21.64 12.31 -31.56
C TRP B 366 -20.60 11.46 -32.29
N ARG B 367 -21.00 10.27 -32.74
CA ARG B 367 -20.05 9.39 -33.44
C ARG B 367 -19.56 10.03 -34.73
N ARG B 368 -20.46 10.66 -35.49
CA ARG B 368 -20.06 11.34 -36.71
C ARG B 368 -19.04 12.43 -36.43
N GLU B 369 -19.20 13.13 -35.31
CA GLU B 369 -18.24 14.16 -34.94
C GLU B 369 -16.93 13.55 -34.44
N ALA B 370 -17.02 12.41 -33.74
CA ALA B 370 -15.80 11.74 -33.30
C ALA B 370 -14.99 11.22 -34.48
N GLN B 371 -15.67 10.76 -35.53
CA GLN B 371 -14.97 10.30 -36.73
C GLN B 371 -14.27 11.47 -37.42
N ARG B 372 -14.89 12.65 -37.43
CA ARG B 372 -14.25 13.83 -38.02
C ARG B 372 -13.05 14.27 -37.19
N TRP B 373 -13.17 14.22 -35.86
CA TRP B 373 -12.05 14.58 -34.99
C TRP B 373 -10.87 13.66 -35.21
N ALA B 374 -11.13 12.37 -35.44
CA ALA B 374 -10.05 11.42 -35.69
C ALA B 374 -9.39 11.68 -37.05
N ASP B 375 -10.20 12.02 -38.06
CA ASP B 375 -9.64 12.30 -39.38
C ASP B 375 -8.79 13.56 -39.38
N GLU B 376 -9.24 14.60 -38.67
CA GLU B 376 -8.48 15.85 -38.66
C GLU B 376 -7.18 15.71 -37.87
N GLN B 377 -7.24 15.06 -36.71
CA GLN B 377 -6.02 14.77 -35.97
C GLN B 377 -5.12 13.82 -36.73
N GLY B 378 -5.70 12.95 -37.56
CA GLY B 378 -4.92 12.01 -38.35
C GLY B 378 -4.08 12.65 -39.44
N MET B 379 -4.49 13.84 -39.90
CA MET B 379 -3.71 14.56 -40.91
C MET B 379 -2.48 15.24 -40.35
N ARG B 380 -2.34 15.30 -39.03
CA ARG B 380 -1.17 15.88 -38.39
C ARG B 380 -0.07 14.82 -38.26
N PRO B 381 1.17 15.19 -38.56
CA PRO B 381 2.28 14.23 -38.39
C PRO B 381 2.32 13.68 -36.97
N ASP B 382 2.46 12.36 -36.86
CA ASP B 382 2.45 11.71 -35.58
C ASP B 382 3.71 12.07 -34.77
N LEU B 383 3.67 11.76 -33.47
CA LEU B 383 4.73 12.19 -32.58
C LEU B 383 6.06 11.50 -32.89
N ALA B 384 6.03 10.18 -33.15
CA ALA B 384 7.27 9.45 -33.41
C ALA B 384 8.01 10.01 -34.63
N ALA B 385 7.28 10.30 -35.70
CA ALA B 385 7.90 10.88 -36.88
C ALA B 385 8.52 12.23 -36.57
N ARG B 386 7.84 13.04 -35.75
CA ARG B 386 8.41 14.33 -35.36
C ARG B 386 9.67 14.16 -34.53
N LEU B 387 9.74 13.10 -33.72
CA LEU B 387 10.97 12.82 -32.96
C LEU B 387 12.11 12.45 -33.90
N VAL B 388 11.86 11.53 -34.83
CA VAL B 388 12.89 11.14 -35.78
C VAL B 388 13.33 12.35 -36.61
N GLN B 389 12.38 13.22 -36.97
CA GLN B 389 12.73 14.42 -37.71
C GLN B 389 13.50 15.41 -36.84
N PHE B 390 13.16 15.50 -35.55
CA PHE B 390 13.85 16.41 -34.66
C PHE B 390 15.32 16.03 -34.51
N TYR B 391 15.60 14.74 -34.38
CA TYR B 391 16.99 14.30 -34.30
C TYR B 391 17.71 14.51 -35.62
N ALA B 392 17.02 14.29 -36.74
CA ALA B 392 17.64 14.46 -38.05
C ALA B 392 18.05 15.91 -38.30
N ASP B 393 17.21 16.86 -37.90
CA ASP B 393 17.55 18.27 -38.03
C ASP B 393 18.54 18.75 -36.98
N TRP B 394 18.77 17.97 -35.93
CA TRP B 394 19.68 18.36 -34.87
C TRP B 394 21.13 17.99 -35.17
N LEU B 395 21.37 16.83 -35.76
CA LEU B 395 22.74 16.38 -35.97
C LEU B 395 23.42 17.15 -37.10
N HIS C 19 -30.32 -12.62 28.79
CA HIS C 19 -29.86 -13.76 29.57
C HIS C 19 -28.66 -14.43 28.91
N MSE C 20 -27.60 -13.66 28.71
CA MSE C 20 -26.39 -14.15 28.05
C MSE C 20 -25.19 -14.08 29.00
O MSE C 20 -25.09 -13.15 29.80
CB MSE C 20 -26.11 -13.36 26.78
CG MSE C 20 -27.22 -13.43 25.75
SE MSE C 20 -27.06 -14.95 24.53
CE MSE C 20 -25.53 -14.34 23.49
N LYS C 21 -24.29 -15.05 28.91
CA LYS C 21 -23.12 -15.12 29.76
C LYS C 21 -21.86 -15.19 28.91
N THR C 22 -20.77 -14.68 29.47
CA THR C 22 -19.47 -14.69 28.81
C THR C 22 -18.83 -16.08 28.87
N ALA C 23 -18.22 -16.48 27.76
CA ALA C 23 -17.71 -17.85 27.64
C ALA C 23 -16.69 -18.19 28.71
N GLN C 24 -15.88 -17.23 29.14
CA GLN C 24 -14.91 -17.49 30.20
C GLN C 24 -15.54 -17.56 31.58
N GLU C 25 -16.83 -17.23 31.71
CA GLU C 25 -17.53 -17.35 32.98
C GLU C 25 -18.22 -18.69 33.17
N PHE C 26 -18.35 -19.50 32.12
CA PHE C 26 -18.94 -20.82 32.26
C PHE C 26 -17.99 -21.75 33.00
N ARG C 27 -18.58 -22.71 33.73
CA ARG C 27 -17.83 -23.69 34.48
C ARG C 27 -18.36 -25.09 34.14
N ALA C 28 -17.58 -26.10 34.52
CA ALA C 28 -18.00 -27.48 34.32
C ALA C 28 -19.30 -27.75 35.08
N GLY C 29 -20.21 -28.46 34.42
CA GLY C 29 -21.50 -28.78 34.99
C GLY C 29 -22.62 -27.85 34.57
N GLN C 30 -22.30 -26.68 34.04
CA GLN C 30 -23.31 -25.75 33.57
C GLN C 30 -23.73 -26.12 32.14
N VAL C 31 -24.85 -25.54 31.71
CA VAL C 31 -25.47 -25.87 30.44
C VAL C 31 -25.68 -24.58 29.64
N ALA C 32 -25.42 -24.65 28.35
CA ALA C 32 -25.62 -23.53 27.44
C ALA C 32 -26.55 -23.95 26.31
N ASN C 33 -27.38 -23.01 25.86
CA ASN C 33 -28.27 -23.22 24.72
C ASN C 33 -27.57 -22.68 23.48
N ILE C 34 -27.17 -23.58 22.59
CA ILE C 34 -26.46 -23.23 21.37
C ILE C 34 -27.31 -23.68 20.20
N ASN C 35 -27.94 -22.72 19.51
CA ASN C 35 -28.74 -22.98 18.31
C ASN C 35 -29.87 -23.97 18.59
N GLY C 36 -30.51 -23.81 19.74
CA GLY C 36 -31.62 -24.65 20.13
C GLY C 36 -31.25 -25.99 20.74
N ALA C 37 -29.96 -26.30 20.87
CA ALA C 37 -29.53 -27.56 21.42
C ALA C 37 -28.97 -27.37 22.81
N PRO C 38 -29.46 -28.10 23.82
CA PRO C 38 -28.91 -28.00 25.17
C PRO C 38 -27.64 -28.83 25.33
N TRP C 39 -26.53 -28.17 25.58
CA TRP C 39 -25.24 -28.82 25.77
C TRP C 39 -24.78 -28.65 27.21
N VAL C 40 -24.40 -29.74 27.86
CA VAL C 40 -23.78 -29.69 29.18
C VAL C 40 -22.27 -29.56 28.98
N ILE C 41 -21.64 -28.71 29.80
CA ILE C 41 -20.21 -28.44 29.71
C ILE C 41 -19.51 -29.44 30.61
N GLN C 42 -18.88 -30.45 30.01
CA GLN C 42 -18.15 -31.44 30.79
C GLN C 42 -16.76 -30.94 31.19
N LYS C 43 -16.18 -30.03 30.41
CA LYS C 43 -14.86 -29.50 30.71
C LYS C 43 -14.70 -28.15 30.04
N ALA C 44 -14.20 -27.17 30.78
CA ALA C 44 -13.91 -25.84 30.26
C ALA C 44 -12.48 -25.48 30.60
N GLU C 45 -11.71 -25.07 29.60
CA GLU C 45 -10.31 -24.71 29.78
C GLU C 45 -10.03 -23.33 29.18
N PHE C 46 -9.24 -22.56 29.89
CA PHE C 46 -8.93 -21.17 29.52
C PHE C 46 -7.47 -21.10 29.06
N ASN C 47 -7.25 -20.45 27.92
CA ASN C 47 -5.93 -20.32 27.34
C ASN C 47 -5.69 -18.89 26.90
N LYS C 48 -4.54 -18.33 27.26
CA LYS C 48 -4.18 -16.97 26.88
C LYS C 48 -3.47 -17.00 25.53
N SER C 49 -4.07 -16.36 24.53
CA SER C 49 -3.49 -16.30 23.19
C SER C 49 -2.55 -15.09 23.08
N GLY C 50 -2.52 -14.46 21.91
CA GLY C 50 -1.68 -13.29 21.73
C GLY C 50 -2.30 -12.02 22.28
N ARG C 51 -1.43 -11.06 22.60
CA ARG C 51 -1.84 -9.78 23.18
C ARG C 51 -2.76 -10.00 24.37
N ASN C 52 -3.99 -9.48 24.27
CA ASN C 52 -5.00 -9.66 25.32
CA ASN C 52 -5.01 -9.66 25.30
C ASN C 52 -6.06 -10.69 24.94
N ALA C 53 -5.96 -11.29 23.75
CA ALA C 53 -6.93 -12.29 23.33
C ALA C 53 -6.78 -13.56 24.16
N ALA C 54 -7.88 -14.32 24.24
CA ALA C 54 -7.90 -15.56 25.00
C ALA C 54 -8.86 -16.53 24.33
N VAL C 55 -8.70 -17.80 24.67
CA VAL C 55 -9.43 -18.89 24.02
C VAL C 55 -9.96 -19.83 25.09
N VAL C 56 -11.25 -20.19 24.97
CA VAL C 56 -11.89 -21.14 25.86
C VAL C 56 -12.26 -22.38 25.07
N LYS C 57 -11.68 -23.51 25.42
CA LYS C 57 -12.00 -24.80 24.82
C LYS C 57 -13.01 -25.53 25.69
N MSE C 58 -14.07 -26.04 25.08
CA MSE C 58 -15.12 -26.73 25.81
C MSE C 58 -15.41 -28.13 25.30
O MSE C 58 -15.47 -28.36 24.09
CB MSE C 58 -16.42 -25.92 25.75
CG MSE C 58 -16.40 -24.65 26.57
SE MSE C 58 -18.15 -23.80 26.53
CE MSE C 58 -17.75 -22.27 27.66
N LYS C 59 -15.56 -29.07 26.23
CA LYS C 59 -16.01 -30.42 25.94
C LYS C 59 -17.50 -30.49 26.28
N LEU C 60 -18.33 -30.67 25.26
CA LEU C 60 -19.79 -30.62 25.43
C LEU C 60 -20.40 -31.98 25.18
N LYS C 61 -21.57 -32.20 25.78
CA LYS C 61 -22.37 -33.38 25.51
C LYS C 61 -23.83 -32.97 25.35
N ASN C 62 -24.46 -33.40 24.27
CA ASN C 62 -25.85 -33.04 24.01
C ASN C 62 -26.76 -33.71 25.04
N LEU C 63 -27.69 -32.94 25.59
CA LEU C 63 -28.53 -33.41 26.69
C LEU C 63 -29.80 -34.12 26.23
N LEU C 64 -30.01 -34.29 24.94
CA LEU C 64 -31.15 -35.07 24.46
C LEU C 64 -30.74 -36.23 23.57
N THR C 65 -29.71 -36.06 22.74
CA THR C 65 -29.24 -37.14 21.87
C THR C 65 -27.96 -37.80 22.38
N GLY C 66 -27.28 -37.20 23.36
CA GLY C 66 -26.10 -37.79 23.94
C GLY C 66 -24.81 -37.55 23.18
N ALA C 67 -24.86 -36.91 22.02
CA ALA C 67 -23.66 -36.73 21.22
C ALA C 67 -22.67 -35.80 21.91
N GLY C 68 -21.39 -36.11 21.76
CA GLY C 68 -20.32 -35.34 22.36
C GLY C 68 -19.54 -34.58 21.30
N THR C 69 -19.05 -33.40 21.67
CA THR C 69 -18.28 -32.58 20.75
C THR C 69 -17.33 -31.68 21.54
N GLU C 70 -16.33 -31.17 20.84
CA GLU C 70 -15.41 -30.17 21.38
C GLU C 70 -15.58 -28.89 20.59
N THR C 71 -15.71 -27.77 21.30
CA THR C 71 -15.88 -26.46 20.67
C THR C 71 -14.88 -25.49 21.27
N VAL C 72 -14.71 -24.36 20.58
CA VAL C 72 -13.74 -23.35 20.98
C VAL C 72 -14.40 -21.98 20.85
N PHE C 73 -14.11 -21.09 21.80
CA PHE C 73 -14.68 -19.76 21.82
C PHE C 73 -13.63 -18.74 22.22
N LYS C 74 -13.87 -17.48 21.84
CA LYS C 74 -13.15 -16.39 22.46
C LYS C 74 -13.62 -16.23 23.90
N ALA C 75 -12.71 -15.76 24.76
CA ALA C 75 -13.06 -15.56 26.16
C ALA C 75 -14.22 -14.58 26.31
N ASP C 76 -14.37 -13.65 25.37
CA ASP C 76 -15.43 -12.66 25.42
C ASP C 76 -16.70 -13.08 24.71
N ASP C 77 -16.69 -14.21 23.99
CA ASP C 77 -17.90 -14.67 23.31
C ASP C 77 -19.01 -14.91 24.32
N LYS C 78 -20.25 -14.65 23.89
CA LYS C 78 -21.41 -14.70 24.76
C LYS C 78 -22.29 -15.88 24.38
N LEU C 79 -22.64 -16.70 25.38
CA LEU C 79 -23.49 -17.86 25.21
C LEU C 79 -24.69 -17.76 26.14
N GLU C 80 -25.78 -18.42 25.75
CA GLU C 80 -27.02 -18.39 26.52
C GLU C 80 -27.05 -19.56 27.50
N PRO C 81 -26.94 -19.32 28.80
CA PRO C 81 -26.98 -20.42 29.76
C PRO C 81 -28.40 -20.93 29.98
N ILE C 82 -28.47 -22.14 30.53
CA ILE C 82 -29.73 -22.78 30.88
C ILE C 82 -29.67 -23.12 32.36
N ILE C 83 -30.52 -22.46 33.15
CA ILE C 83 -30.58 -22.70 34.58
C ILE C 83 -31.37 -23.98 34.83
N LEU C 84 -30.83 -24.85 35.66
CA LEU C 84 -31.39 -26.18 35.86
C LEU C 84 -31.74 -26.42 37.32
N ASP C 85 -32.64 -27.37 37.54
CA ASP C 85 -33.04 -27.77 38.87
C ASP C 85 -31.87 -28.39 39.63
N ARG C 86 -31.96 -28.33 40.95
CA ARG C 86 -30.88 -28.81 41.83
C ARG C 86 -31.48 -29.56 43.00
N LYS C 87 -30.64 -30.41 43.61
CA LYS C 87 -31.05 -31.22 44.74
C LYS C 87 -29.80 -31.57 45.54
N GLU C 88 -29.85 -31.34 46.85
CA GLU C 88 -28.67 -31.53 47.68
C GLU C 88 -28.27 -32.99 47.72
N VAL C 89 -26.97 -33.25 47.54
CA VAL C 89 -26.44 -34.59 47.45
C VAL C 89 -25.07 -34.59 48.12
N THR C 90 -24.65 -35.76 48.60
CA THR C 90 -23.36 -35.91 49.25
C THR C 90 -22.60 -37.07 48.64
N TYR C 91 -21.28 -37.04 48.80
CA TYR C 91 -20.40 -38.06 48.24
C TYR C 91 -20.22 -39.19 49.24
N SER C 92 -20.19 -40.42 48.72
CA SER C 92 -20.05 -41.60 49.57
C SER C 92 -18.74 -42.32 49.29
N TYR C 93 -18.57 -42.94 48.13
CA TYR C 93 -17.36 -43.68 47.80
C TYR C 93 -17.10 -43.59 46.30
N PHE C 94 -16.02 -44.23 45.87
CA PHE C 94 -15.63 -44.28 44.46
C PHE C 94 -15.70 -45.72 43.98
N ALA C 95 -16.76 -46.07 43.26
CA ALA C 95 -16.81 -47.33 42.54
C ALA C 95 -15.99 -47.21 41.26
N ASP C 96 -15.88 -48.32 40.53
CA ASP C 96 -15.13 -48.32 39.28
C ASP C 96 -16.06 -48.68 38.12
N PRO C 97 -16.19 -47.82 37.10
CA PRO C 97 -15.50 -46.53 37.05
C PRO C 97 -16.43 -45.33 37.28
N LEU C 98 -17.40 -45.49 38.19
CA LEU C 98 -18.41 -44.48 38.44
C LEU C 98 -18.29 -43.94 39.86
N TYR C 99 -18.74 -42.70 40.04
CA TYR C 99 -18.81 -42.07 41.35
C TYR C 99 -20.25 -42.05 41.82
N VAL C 100 -20.48 -42.42 43.07
CA VAL C 100 -21.82 -42.57 43.62
C VAL C 100 -22.07 -41.45 44.62
N PHE C 101 -23.24 -40.82 44.51
CA PHE C 101 -23.67 -39.77 45.41
C PHE C 101 -25.02 -40.13 46.01
N MSE C 102 -25.25 -39.65 47.23
CA MSE C 102 -26.52 -39.92 47.91
C MSE C 102 -27.16 -38.66 48.46
O MSE C 102 -26.47 -37.77 48.97
CB MSE C 102 -26.31 -40.92 49.05
CG MSE C 102 -26.51 -42.37 48.64
SE MSE C 102 -26.45 -43.58 50.16
CE MSE C 102 -24.55 -43.46 50.57
N ASP C 103 -28.48 -38.57 48.35
CA ASP C 103 -29.22 -37.42 48.83
C ASP C 103 -29.60 -37.63 50.30
N SER C 104 -30.43 -36.75 50.84
CA SER C 104 -30.85 -36.87 52.23
C SER C 104 -31.84 -38.03 52.43
N GLU C 105 -32.35 -38.62 51.37
CA GLU C 105 -33.29 -39.73 51.45
C GLU C 105 -32.67 -41.05 51.02
N PHE C 106 -31.33 -41.12 50.98
CA PHE C 106 -30.59 -42.35 50.68
C PHE C 106 -30.91 -42.87 49.28
N ASN C 107 -31.00 -41.98 48.31
CA ASN C 107 -31.13 -42.33 46.91
C ASN C 107 -29.75 -42.25 46.25
N GLN C 108 -29.35 -43.32 45.56
CA GLN C 108 -28.03 -43.38 44.95
C GLN C 108 -28.05 -42.73 43.58
N TYR C 109 -27.00 -41.96 43.28
CA TYR C 109 -26.80 -41.32 41.99
C TYR C 109 -25.41 -41.68 41.50
N GLU C 110 -25.33 -42.46 40.43
CA GLU C 110 -24.06 -42.89 39.86
C GLU C 110 -23.69 -41.97 38.70
N ILE C 111 -22.54 -41.30 38.82
CA ILE C 111 -22.11 -40.29 37.86
C ILE C 111 -20.82 -40.75 37.21
N GLU C 112 -20.72 -40.55 35.90
CA GLU C 112 -19.49 -40.87 35.19
C GLU C 112 -18.41 -39.85 35.50
N LYS C 113 -17.16 -40.24 35.25
CA LYS C 113 -16.03 -39.35 35.52
C LYS C 113 -16.07 -38.12 34.62
N ASP C 114 -16.60 -38.26 33.40
CA ASP C 114 -16.66 -37.14 32.47
C ASP C 114 -17.64 -36.06 32.93
N ASP C 115 -18.58 -36.40 33.81
CA ASP C 115 -19.59 -35.45 34.28
C ASP C 115 -19.25 -34.85 35.64
N LEU C 116 -18.00 -34.99 36.10
CA LEU C 116 -17.61 -34.53 37.42
C LEU C 116 -16.32 -33.73 37.41
N GLU C 117 -15.94 -33.15 36.26
CA GLU C 117 -14.69 -32.42 36.18
C GLU C 117 -14.66 -31.22 37.12
N GLY C 118 -15.83 -30.72 37.53
CA GLY C 118 -15.85 -29.66 38.52
C GLY C 118 -15.61 -30.14 39.93
N VAL C 119 -16.00 -31.37 40.23
CA VAL C 119 -15.78 -31.92 41.57
C VAL C 119 -14.42 -32.58 41.70
N LEU C 120 -13.90 -33.15 40.61
CA LEU C 120 -12.65 -33.92 40.67
C LEU C 120 -11.47 -33.08 41.14
N THR C 121 -11.51 -31.77 40.97
CA THR C 121 -10.38 -30.93 41.38
C THR C 121 -10.16 -30.99 42.89
N PHE C 122 -11.25 -31.08 43.67
CA PHE C 122 -11.16 -31.07 45.12
C PHE C 122 -11.85 -32.28 45.76
N ILE C 123 -12.07 -33.35 45.00
CA ILE C 123 -12.72 -34.53 45.56
C ILE C 123 -11.80 -35.18 46.57
N GLU C 124 -12.38 -35.64 47.69
CA GLU C 124 -11.61 -36.29 48.74
C GLU C 124 -12.40 -37.48 49.28
N ASP C 125 -11.67 -38.47 49.78
CA ASP C 125 -12.29 -39.62 50.41
C ASP C 125 -12.91 -39.19 51.74
N GLY C 126 -14.15 -39.62 51.97
CA GLY C 126 -14.87 -39.19 53.16
C GLY C 126 -15.29 -37.74 53.11
N MSE C 127 -15.46 -37.18 51.92
CA MSE C 127 -15.82 -35.79 51.73
C MSE C 127 -17.13 -35.45 52.44
O MSE C 127 -18.14 -36.12 52.24
CB MSE C 127 -15.92 -35.46 50.24
CG MSE C 127 -15.76 -34.00 49.89
SE MSE C 127 -15.93 -33.71 47.97
CE MSE C 127 -17.83 -34.12 47.79
N THR C 128 -17.10 -34.41 53.28
CA THR C 128 -18.28 -33.99 54.02
C THR C 128 -19.02 -32.83 53.36
N ASP C 129 -18.50 -32.29 52.25
CA ASP C 129 -19.14 -31.16 51.60
C ASP C 129 -20.52 -31.55 51.08
N ILE C 130 -21.46 -30.63 51.22
CA ILE C 130 -22.82 -30.82 50.72
C ILE C 130 -22.86 -30.31 49.28
N CYS C 131 -22.90 -31.24 48.33
CA CYS C 131 -22.90 -30.88 46.92
C CYS C 131 -24.33 -30.66 46.44
N GLU C 132 -24.45 -30.28 45.16
CA GLU C 132 -25.74 -30.10 44.52
C GLU C 132 -25.71 -30.77 43.16
N ALA C 133 -26.58 -31.75 42.96
CA ALA C 133 -26.68 -32.43 41.67
C ALA C 133 -27.54 -31.61 40.73
N VAL C 134 -27.01 -31.36 39.53
CA VAL C 134 -27.73 -30.61 38.50
C VAL C 134 -28.59 -31.59 37.73
N PHE C 135 -29.88 -31.25 37.58
CA PHE C 135 -30.83 -32.11 36.91
C PHE C 135 -31.32 -31.47 35.62
N TYR C 136 -31.59 -32.31 34.63
CA TYR C 136 -32.24 -31.89 33.38
C TYR C 136 -33.38 -32.87 33.12
N ASN C 137 -34.60 -32.45 33.48
CA ASN C 137 -35.81 -33.27 33.37
C ASN C 137 -35.69 -34.54 34.21
N ASP C 138 -35.53 -34.32 35.52
CA ASP C 138 -35.45 -35.39 36.52
C ASP C 138 -34.33 -36.38 36.24
N LYS C 139 -33.31 -35.97 35.48
CA LYS C 139 -32.16 -36.81 35.18
C LYS C 139 -30.89 -36.06 35.54
N VAL C 140 -30.08 -36.65 36.42
CA VAL C 140 -28.86 -35.99 36.87
C VAL C 140 -27.85 -35.98 35.74
N ILE C 141 -27.18 -34.84 35.57
CA ILE C 141 -26.22 -34.67 34.47
C ILE C 141 -24.85 -34.34 35.02
N SER C 142 -24.80 -33.74 36.21
CA SER C 142 -23.52 -33.34 36.80
C SER C 142 -23.74 -33.08 38.29
N VAL C 143 -22.63 -32.80 38.98
CA VAL C 143 -22.63 -32.46 40.40
C VAL C 143 -21.74 -31.25 40.59
N GLU C 144 -22.16 -30.32 41.45
CA GLU C 144 -21.43 -29.10 41.72
C GLU C 144 -21.05 -29.03 43.20
N LEU C 145 -19.83 -28.58 43.46
CA LEU C 145 -19.40 -28.35 44.83
C LEU C 145 -20.07 -27.09 45.38
N PRO C 146 -20.18 -26.98 46.70
CA PRO C 146 -20.61 -25.72 47.29
C PRO C 146 -19.63 -24.61 46.95
N THR C 147 -20.11 -23.36 47.00
CA THR C 147 -19.27 -22.24 46.61
C THR C 147 -18.06 -22.11 47.52
N THR C 148 -18.15 -22.55 48.76
CA THR C 148 -17.04 -22.51 49.71
C THR C 148 -16.83 -23.90 50.29
N ILE C 149 -15.59 -24.39 50.26
CA ILE C 149 -15.24 -25.68 50.84
C ILE C 149 -14.10 -25.47 51.83
N VAL C 150 -13.95 -26.45 52.72
CA VAL C 150 -12.94 -26.42 53.77
C VAL C 150 -11.97 -27.58 53.53
N ARG C 151 -10.73 -27.26 53.19
CA ARG C 151 -9.70 -28.26 52.94
C ARG C 151 -8.53 -28.06 53.89
N GLN C 152 -7.89 -29.18 54.24
CA GLN C 152 -6.71 -29.16 55.10
C GLN C 152 -5.46 -29.23 54.23
N ILE C 153 -4.41 -28.55 54.68
CA ILE C 153 -3.16 -28.46 53.93
C ILE C 153 -2.29 -29.66 54.29
N ALA C 154 -1.87 -30.41 53.27
CA ALA C 154 -1.03 -31.58 53.48
C ALA C 154 0.46 -31.26 53.39
N TYR C 155 0.83 -30.27 52.60
CA TYR C 155 2.25 -29.92 52.44
C TYR C 155 2.39 -28.46 52.03
N THR C 156 3.36 -27.80 52.64
CA THR C 156 3.73 -26.43 52.30
C THR C 156 5.09 -26.15 52.92
N GLU C 157 5.77 -25.13 52.41
CA GLU C 157 7.10 -24.78 52.90
C GLU C 157 7.02 -23.94 54.17
N VAL C 168 3.78 -12.95 50.60
CA VAL C 168 2.34 -12.87 50.82
C VAL C 168 1.69 -14.24 50.68
N MSE C 169 2.02 -14.96 49.60
CA MSE C 169 1.46 -16.29 49.38
C MSE C 169 2.52 -17.31 48.98
O MSE C 169 3.56 -16.95 48.42
CB MSE C 169 0.37 -16.24 48.33
CG MSE C 169 -0.89 -15.50 48.77
SE MSE C 169 -2.45 -16.03 47.74
CE MSE C 169 -1.79 -15.63 45.94
N LYS C 170 2.25 -18.58 49.25
CA LYS C 170 3.15 -19.67 48.93
C LYS C 170 2.35 -20.83 48.35
N THR C 171 3.06 -21.76 47.71
CA THR C 171 2.43 -22.92 47.11
C THR C 171 2.24 -24.01 48.15
N ALA C 172 1.04 -24.57 48.20
CA ALA C 172 0.71 -25.68 49.09
C ALA C 172 -0.06 -26.75 48.32
N ARG C 173 -0.21 -27.91 48.95
CA ARG C 173 -0.93 -29.02 48.35
C ARG C 173 -1.92 -29.58 49.37
N LEU C 174 -3.03 -30.10 48.86
CA LEU C 174 -4.08 -30.67 49.69
C LEU C 174 -3.91 -32.19 49.81
N ASN C 175 -4.85 -32.83 50.49
CA ASN C 175 -4.76 -34.27 50.71
C ASN C 175 -4.90 -35.05 49.39
N ASN C 176 -5.68 -34.54 48.45
CA ASN C 176 -5.91 -35.20 47.18
C ASN C 176 -4.85 -34.86 46.13
N GLY C 177 -3.82 -34.09 46.50
CA GLY C 177 -2.70 -33.82 45.62
C GLY C 177 -2.80 -32.54 44.81
N ALA C 178 -3.90 -31.80 44.93
CA ALA C 178 -4.05 -30.58 44.15
C ALA C 178 -3.09 -29.50 44.63
N GLU C 179 -2.65 -28.67 43.69
CA GLU C 179 -1.76 -27.55 43.97
C GLU C 179 -2.53 -26.24 43.84
N LEU C 180 -2.46 -25.40 44.87
CA LEU C 180 -3.07 -24.08 44.82
C LEU C 180 -2.29 -23.13 45.72
N GLN C 181 -2.38 -21.84 45.40
CA GLN C 181 -1.70 -20.82 46.18
C GLN C 181 -2.48 -20.52 47.45
N VAL C 182 -1.79 -20.57 48.59
CA VAL C 182 -2.38 -20.28 49.88
C VAL C 182 -1.58 -19.17 50.55
N SER C 183 -2.12 -18.66 51.66
CA SER C 183 -1.45 -17.60 52.41
C SER C 183 -0.14 -18.12 53.01
N ALA C 184 0.84 -17.21 53.12
CA ALA C 184 2.13 -17.59 53.68
C ALA C 184 2.04 -17.89 55.17
N PHE C 185 1.00 -17.40 55.85
CA PHE C 185 0.82 -17.70 57.26
C PHE C 185 0.37 -19.13 57.52
N CYS C 186 -0.04 -19.86 56.48
CA CYS C 186 -0.51 -21.22 56.66
C CYS C 186 0.65 -22.17 56.96
N GLU C 187 0.31 -23.30 57.59
CA GLU C 187 1.29 -24.33 57.92
C GLU C 187 0.67 -25.69 57.62
N ILE C 188 1.38 -26.75 58.01
CA ILE C 188 0.91 -28.11 57.76
C ILE C 188 -0.29 -28.39 58.66
N GLY C 189 -1.36 -28.91 58.07
CA GLY C 189 -2.53 -29.30 58.84
C GLY C 189 -3.49 -28.18 59.17
N ASP C 190 -3.29 -26.98 58.64
CA ASP C 190 -4.23 -25.91 58.90
C ASP C 190 -5.48 -26.06 58.03
N SER C 191 -6.55 -25.41 58.45
CA SER C 191 -7.81 -25.42 57.74
C SER C 191 -7.96 -24.13 56.94
N ILE C 192 -8.24 -24.25 55.65
CA ILE C 192 -8.42 -23.10 54.78
C ILE C 192 -9.75 -23.25 54.04
N GLU C 193 -10.27 -22.12 53.58
CA GLU C 193 -11.46 -22.07 52.75
C GLU C 193 -11.07 -21.86 51.30
N ILE C 194 -11.76 -22.56 50.40
CA ILE C 194 -11.51 -22.47 48.96
C ILE C 194 -12.79 -22.05 48.27
N ASP C 195 -12.69 -21.08 47.37
CA ASP C 195 -13.80 -20.66 46.55
C ASP C 195 -13.83 -21.54 45.29
N THR C 196 -14.83 -22.40 45.20
CA THR C 196 -14.85 -23.41 44.14
C THR C 196 -15.12 -22.82 42.76
N ARG C 197 -15.74 -21.64 42.68
CA ARG C 197 -15.92 -21.01 41.38
C ARG C 197 -14.60 -20.53 40.78
N THR C 198 -13.60 -20.28 41.61
CA THR C 198 -12.26 -19.92 41.15
C THR C 198 -11.19 -20.93 41.51
N GLY C 199 -11.43 -21.80 42.48
CA GLY C 199 -10.43 -22.75 42.90
C GLY C 199 -9.26 -22.13 43.62
N GLU C 200 -9.45 -20.97 44.24
CA GLU C 200 -8.37 -20.22 44.87
C GLU C 200 -8.61 -20.10 46.37
N TYR C 201 -7.54 -19.71 47.07
CA TYR C 201 -7.59 -19.53 48.52
C TYR C 201 -8.55 -18.40 48.89
N LYS C 202 -9.24 -18.58 50.02
CA LYS C 202 -10.17 -17.57 50.53
C LYS C 202 -9.76 -17.08 51.91
N SER C 203 -9.68 -17.96 52.90
CA SER C 203 -9.30 -17.58 54.25
C SER C 203 -8.76 -18.81 54.97
N ARG C 204 -8.43 -18.63 56.25
CA ARG C 204 -7.92 -19.71 57.08
C ARG C 204 -8.40 -19.51 58.52
N VAL C 205 -8.29 -20.58 59.30
CA VAL C 205 -8.66 -20.53 60.72
C VAL C 205 -7.48 -19.99 61.52
N LYS C 206 -7.79 -19.34 62.64
CA LYS C 206 -6.76 -18.77 63.50
C LYS C 206 -5.94 -19.87 64.17
N HIS D 19 25.64 28.05 -3.33
CA HIS D 19 24.64 29.08 -3.56
C HIS D 19 23.82 28.78 -4.81
N MSE D 20 22.80 27.94 -4.66
CA MSE D 20 21.93 27.61 -5.79
C MSE D 20 20.46 27.61 -5.40
O MSE D 20 20.11 27.46 -4.22
CB MSE D 20 22.31 26.26 -6.39
CG MSE D 20 23.30 26.38 -7.54
SE MSE D 20 23.27 24.80 -8.68
CE MSE D 20 24.28 25.49 -10.21
N LYS D 21 19.60 27.76 -6.39
CA LYS D 21 18.18 28.01 -6.18
C LYS D 21 17.38 27.34 -7.29
N THR D 22 16.19 26.86 -6.95
CA THR D 22 15.34 26.22 -7.94
C THR D 22 14.78 27.24 -8.91
N ALA D 23 14.46 26.76 -10.13
CA ALA D 23 14.02 27.66 -11.19
C ALA D 23 12.73 28.37 -10.84
N GLN D 24 11.82 27.72 -10.11
CA GLN D 24 10.56 28.33 -9.75
C GLN D 24 10.69 29.47 -8.74
N GLU D 25 11.84 29.59 -8.08
CA GLU D 25 12.07 30.67 -7.14
C GLU D 25 12.63 31.93 -7.78
N PHE D 26 13.07 31.85 -9.04
CA PHE D 26 13.54 33.04 -9.74
C PHE D 26 12.37 33.90 -10.18
N ARG D 27 12.65 35.19 -10.38
CA ARG D 27 11.66 36.10 -10.94
C ARG D 27 12.39 37.08 -11.85
N ALA D 28 11.60 37.81 -12.65
CA ALA D 28 12.15 38.75 -13.62
C ALA D 28 13.05 39.76 -12.93
N GLY D 29 14.14 40.11 -13.61
CA GLY D 29 15.13 41.03 -13.10
C GLY D 29 16.35 40.36 -12.48
N GLN D 30 16.17 39.14 -11.97
CA GLN D 30 17.27 38.41 -11.37
C GLN D 30 18.20 37.83 -12.44
N VAL D 31 19.39 37.42 -12.01
CA VAL D 31 20.43 36.97 -12.91
C VAL D 31 20.94 35.61 -12.45
N ALA D 32 21.16 34.71 -13.41
CA ALA D 32 21.66 33.37 -13.12
C ALA D 32 22.88 33.08 -13.98
N ASN D 33 23.81 32.32 -13.42
CA ASN D 33 24.98 31.83 -14.15
C ASN D 33 24.60 30.49 -14.76
N ILE D 34 24.34 30.47 -16.07
CA ILE D 34 23.91 29.28 -16.78
C ILE D 34 24.95 28.96 -17.84
N ASN D 35 25.51 27.75 -17.77
CA ASN D 35 26.49 27.27 -18.75
C ASN D 35 27.69 28.22 -18.83
N GLY D 36 28.14 28.70 -17.68
CA GLY D 36 29.28 29.59 -17.61
C GLY D 36 29.08 30.94 -18.27
N ALA D 37 27.90 31.55 -18.09
CA ALA D 37 27.64 32.85 -18.68
C ALA D 37 26.53 33.54 -17.91
N PRO D 38 26.61 34.85 -17.68
CA PRO D 38 25.54 35.56 -16.96
C PRO D 38 24.38 35.87 -17.88
N TRP D 39 23.19 35.40 -17.51
CA TRP D 39 21.95 35.70 -18.21
C TRP D 39 21.02 36.44 -17.26
N VAL D 40 20.43 37.54 -17.75
CA VAL D 40 19.40 38.23 -16.99
C VAL D 40 18.04 37.67 -17.39
N ILE D 41 17.17 37.50 -16.42
CA ILE D 41 15.82 36.97 -16.66
C ILE D 41 14.91 38.13 -17.00
N GLN D 42 14.50 38.20 -18.27
CA GLN D 42 13.58 39.23 -18.71
C GLN D 42 12.12 38.85 -18.49
N LYS D 43 11.82 37.55 -18.48
CA LYS D 43 10.46 37.06 -18.28
C LYS D 43 10.54 35.64 -17.76
N ALA D 44 9.74 35.33 -16.74
CA ALA D 44 9.66 34.00 -16.17
C ALA D 44 8.20 33.58 -16.10
N GLU D 45 7.91 32.38 -16.58
CA GLU D 45 6.54 31.87 -16.65
C GLU D 45 6.50 30.47 -16.02
N PHE D 46 5.58 30.29 -15.08
CA PHE D 46 5.41 29.02 -14.38
C PHE D 46 4.12 28.36 -14.87
N ASN D 47 4.22 27.07 -15.18
CA ASN D 47 3.05 26.30 -15.63
C ASN D 47 3.12 24.90 -15.05
N LYS D 48 1.97 24.43 -14.54
CA LYS D 48 1.89 23.09 -13.97
C LYS D 48 1.70 22.06 -15.08
N SER D 49 2.51 21.01 -15.05
CA SER D 49 2.41 19.93 -16.02
C SER D 49 1.56 18.80 -15.44
N GLY D 50 1.87 17.54 -15.78
CA GLY D 50 1.14 16.43 -15.21
C GLY D 50 1.60 16.10 -13.80
N ARG D 51 0.75 15.38 -13.07
CA ARG D 51 1.04 14.92 -11.71
C ARG D 51 1.52 16.12 -10.90
N ASN D 52 2.66 16.01 -10.20
CA ASN D 52 3.24 17.12 -9.47
C ASN D 52 4.36 17.79 -10.26
N ALA D 53 4.48 17.52 -11.54
CA ALA D 53 5.50 18.14 -12.36
C ALA D 53 5.11 19.57 -12.72
N ALA D 54 6.11 20.41 -12.96
CA ALA D 54 5.88 21.79 -13.34
C ALA D 54 7.03 22.25 -14.23
N VAL D 55 6.78 23.33 -14.96
CA VAL D 55 7.67 23.78 -16.02
C VAL D 55 7.80 25.28 -15.95
N VAL D 56 9.04 25.79 -15.97
CA VAL D 56 9.33 27.22 -15.93
C VAL D 56 9.98 27.60 -17.26
N LYS D 57 9.41 28.60 -17.93
CA LYS D 57 9.93 29.10 -19.19
C LYS D 57 10.51 30.50 -18.98
N MSE D 58 11.75 30.70 -19.41
CA MSE D 58 12.42 31.98 -19.23
C MSE D 58 12.86 32.60 -20.54
O MSE D 58 13.37 31.92 -21.43
CB MSE D 58 13.64 31.82 -18.32
CG MSE D 58 13.33 31.35 -16.92
SE MSE D 58 14.98 31.14 -15.91
CE MSE D 58 14.22 30.52 -14.22
N LYS D 59 12.68 33.91 -20.65
CA LYS D 59 13.32 34.71 -21.69
C LYS D 59 14.58 35.32 -21.09
N LEU D 60 15.73 34.96 -21.63
CA LEU D 60 17.02 35.38 -21.09
C LEU D 60 17.75 36.29 -22.06
N LYS D 61 18.55 37.20 -21.52
CA LYS D 61 19.49 38.00 -22.30
C LYS D 61 20.87 37.86 -21.68
N ASN D 62 21.86 37.49 -22.50
CA ASN D 62 23.21 37.32 -22.02
C ASN D 62 23.83 38.68 -21.73
N LEU D 63 24.27 38.89 -20.49
CA LEU D 63 24.78 40.19 -20.07
C LEU D 63 26.11 40.55 -20.71
N LEU D 64 26.81 39.59 -21.31
CA LEU D 64 28.10 39.84 -21.92
C LEU D 64 28.04 39.99 -23.43
N THR D 65 27.20 39.21 -24.11
CA THR D 65 27.09 39.27 -25.56
C THR D 65 25.83 39.98 -26.04
N GLY D 66 24.85 40.22 -25.16
CA GLY D 66 23.61 40.84 -25.55
C GLY D 66 22.65 39.93 -26.30
N ALA D 67 23.00 38.67 -26.51
CA ALA D 67 22.12 37.76 -27.22
C ALA D 67 20.94 37.34 -26.35
N GLY D 68 19.85 36.99 -27.00
CA GLY D 68 18.64 36.55 -26.32
C GLY D 68 18.28 35.13 -26.70
N THR D 69 17.75 34.39 -25.73
CA THR D 69 17.25 33.05 -26.00
C THR D 69 16.13 32.73 -25.02
N GLU D 70 15.23 31.87 -25.44
CA GLU D 70 14.18 31.35 -24.59
C GLU D 70 14.55 29.94 -24.16
N THR D 71 14.56 29.72 -22.85
CA THR D 71 14.90 28.43 -22.28
C THR D 71 13.77 27.95 -21.39
N VAL D 72 13.83 26.68 -21.02
CA VAL D 72 12.79 26.05 -20.22
C VAL D 72 13.45 25.11 -19.21
N PHE D 73 12.84 25.01 -18.03
CA PHE D 73 13.38 24.18 -16.96
C PHE D 73 12.23 23.46 -16.27
N LYS D 74 12.60 22.43 -15.49
CA LYS D 74 11.69 21.91 -14.49
C LYS D 74 11.64 22.89 -13.31
N ALA D 75 10.54 22.81 -12.55
CA ALA D 75 10.38 23.72 -11.41
C ALA D 75 11.47 23.49 -10.35
N ASP D 76 11.92 22.25 -10.19
CA ASP D 76 12.91 21.91 -9.18
C ASP D 76 14.33 21.88 -9.72
N ASP D 77 14.55 22.33 -10.96
CA ASP D 77 15.90 22.39 -11.50
C ASP D 77 16.71 23.46 -10.79
N LYS D 78 17.92 23.11 -10.35
CA LYS D 78 18.76 24.02 -9.61
C LYS D 78 19.55 24.92 -10.56
N LEU D 79 19.55 26.22 -10.28
CA LEU D 79 20.31 27.19 -11.04
C LEU D 79 21.13 28.05 -10.08
N GLU D 80 22.30 28.49 -10.56
CA GLU D 80 23.19 29.31 -9.76
C GLU D 80 22.86 30.79 -9.98
N PRO D 81 22.35 31.50 -8.98
CA PRO D 81 22.08 32.93 -9.16
C PRO D 81 23.34 33.76 -9.04
N ILE D 82 23.29 34.95 -9.65
CA ILE D 82 24.37 35.93 -9.57
C ILE D 82 23.83 37.18 -8.88
N ILE D 83 24.55 37.67 -7.88
CA ILE D 83 24.14 38.83 -7.10
C ILE D 83 24.99 40.01 -7.57
N LEU D 84 24.41 40.87 -8.39
CA LEU D 84 25.11 42.04 -8.89
C LEU D 84 24.82 43.25 -7.99
N ASP D 85 25.60 44.31 -8.22
CA ASP D 85 25.39 45.55 -7.47
C ASP D 85 24.02 46.13 -7.80
N ARG D 86 23.37 46.69 -6.78
CA ARG D 86 22.01 47.19 -6.92
C ARG D 86 21.88 48.55 -6.26
N LYS D 87 20.81 49.25 -6.63
CA LYS D 87 20.52 50.57 -6.08
C LYS D 87 19.00 50.72 -6.01
N GLU D 88 18.51 51.15 -4.86
CA GLU D 88 17.07 51.35 -4.68
C GLU D 88 16.61 52.52 -5.52
N VAL D 89 15.62 52.26 -6.39
CA VAL D 89 15.08 53.28 -7.27
C VAL D 89 13.56 53.20 -7.26
N THR D 90 12.92 54.29 -7.68
CA THR D 90 11.49 54.34 -7.90
C THR D 90 11.21 54.60 -9.37
N TYR D 91 10.05 54.14 -9.82
CA TYR D 91 9.64 54.37 -11.21
C TYR D 91 9.25 55.83 -11.41
N SER D 92 9.76 56.43 -12.48
CA SER D 92 9.51 57.84 -12.73
C SER D 92 8.47 58.04 -13.82
N TYR D 93 8.80 57.65 -15.05
CA TYR D 93 7.91 57.84 -16.19
C TYR D 93 8.38 56.96 -17.33
N PHE D 94 7.57 56.93 -18.39
CA PHE D 94 7.86 56.17 -19.60
C PHE D 94 8.05 57.12 -20.76
N ALA D 95 9.28 57.25 -21.24
CA ALA D 95 9.61 58.05 -22.41
C ALA D 95 9.95 57.09 -23.55
N ASP D 96 8.96 56.84 -24.40
CA ASP D 96 9.01 55.85 -25.49
C ASP D 96 10.33 55.91 -26.24
N PRO D 97 11.06 54.79 -26.37
CA PRO D 97 10.69 53.48 -25.83
C PRO D 97 11.39 53.12 -24.51
N LEU D 98 11.84 54.11 -23.77
CA LEU D 98 12.62 53.89 -22.55
C LEU D 98 11.75 54.09 -21.32
N TYR D 99 11.99 53.27 -20.30
CA TYR D 99 11.40 53.43 -18.98
C TYR D 99 12.44 54.02 -18.05
N VAL D 100 12.09 55.11 -17.37
CA VAL D 100 13.03 55.88 -16.56
C VAL D 100 12.75 55.61 -15.09
N PHE D 101 13.80 55.21 -14.37
CA PHE D 101 13.75 54.99 -12.93
C PHE D 101 14.70 55.98 -12.25
N MSE D 102 14.54 56.13 -10.94
CA MSE D 102 15.26 57.16 -10.21
C MSE D 102 15.51 56.82 -8.74
O MSE D 102 14.60 56.36 -8.04
CB MSE D 102 14.51 58.49 -10.32
CG MSE D 102 14.88 59.54 -9.29
SE MSE D 102 14.21 61.27 -9.84
CE MSE D 102 15.48 61.63 -11.25
N ASP D 103 16.74 57.04 -8.28
CA ASP D 103 17.14 56.71 -6.91
C ASP D 103 16.89 57.91 -6.01
N SER D 104 17.48 57.90 -4.80
CA SER D 104 17.29 59.02 -3.88
C SER D 104 18.12 60.24 -4.27
N GLU D 105 19.25 60.03 -4.93
CA GLU D 105 20.12 61.11 -5.37
C GLU D 105 19.63 61.76 -6.67
N PHE D 106 18.40 61.47 -7.07
CA PHE D 106 17.79 62.06 -8.28
C PHE D 106 18.56 61.69 -9.54
N ASN D 107 19.20 60.53 -9.54
CA ASN D 107 19.89 60.04 -10.73
C ASN D 107 18.95 59.16 -11.55
N GLN D 108 18.94 59.38 -12.86
CA GLN D 108 18.03 58.67 -13.75
C GLN D 108 18.70 57.42 -14.32
N TYR D 109 17.88 56.40 -14.57
CA TYR D 109 18.32 55.16 -15.20
C TYR D 109 17.27 54.75 -16.22
N GLU D 110 17.72 54.42 -17.43
CA GLU D 110 16.84 54.11 -18.54
C GLU D 110 16.98 52.64 -18.92
N ILE D 111 15.85 51.98 -19.14
CA ILE D 111 15.80 50.57 -19.50
C ILE D 111 14.91 50.41 -20.73
N GLU D 112 15.38 49.64 -21.70
CA GLU D 112 14.60 49.37 -22.91
C GLU D 112 13.35 48.55 -22.56
N LYS D 113 12.35 48.65 -23.43
CA LYS D 113 11.07 48.00 -23.16
C LYS D 113 11.20 46.48 -23.16
N ASP D 114 12.04 45.92 -24.04
CA ASP D 114 12.17 44.46 -24.10
C ASP D 114 12.79 43.89 -22.83
N ASP D 115 13.60 44.68 -22.12
CA ASP D 115 14.21 44.22 -20.89
C ASP D 115 13.26 44.26 -19.70
N LEU D 116 12.10 44.89 -19.83
CA LEU D 116 11.11 44.94 -18.76
C LEU D 116 9.85 44.14 -19.08
N GLU D 117 9.90 43.28 -20.10
CA GLU D 117 8.70 42.56 -20.53
C GLU D 117 8.04 41.82 -19.38
N GLY D 118 8.83 41.23 -18.49
CA GLY D 118 8.30 40.52 -17.35
C GLY D 118 7.60 41.41 -16.34
N VAL D 119 8.30 42.44 -15.85
CA VAL D 119 7.75 43.29 -14.81
C VAL D 119 6.80 44.35 -15.34
N LEU D 120 6.66 44.47 -16.67
CA LEU D 120 5.76 45.47 -17.23
C LEU D 120 4.31 45.18 -16.93
N THR D 121 3.97 43.94 -16.56
CA THR D 121 2.60 43.62 -16.18
C THR D 121 2.16 44.44 -14.97
N PHE D 122 3.10 44.80 -14.09
CA PHE D 122 2.78 45.50 -12.86
C PHE D 122 3.27 46.94 -12.84
N ILE D 123 3.85 47.44 -13.93
CA ILE D 123 4.29 48.82 -13.98
C ILE D 123 3.07 49.74 -14.08
N GLU D 124 2.97 50.70 -13.17
CA GLU D 124 1.83 51.59 -13.08
C GLU D 124 2.31 53.04 -13.10
N ASP D 125 1.54 53.90 -13.75
CA ASP D 125 1.84 55.32 -13.77
C ASP D 125 1.87 55.88 -12.35
N GLY D 126 3.04 56.31 -11.89
CA GLY D 126 3.16 56.84 -10.55
C GLY D 126 3.12 55.80 -9.45
N MSE D 127 3.65 54.61 -9.71
CA MSE D 127 3.68 53.55 -8.71
C MSE D 127 4.62 53.90 -7.56
O MSE D 127 5.60 54.62 -7.75
CB MSE D 127 4.07 52.21 -9.33
CG MSE D 127 5.35 52.24 -10.15
SE MSE D 127 5.78 50.50 -10.92
CE MSE D 127 6.26 49.54 -9.30
N THR D 128 4.30 53.40 -6.36
CA THR D 128 5.01 53.76 -5.15
C THR D 128 5.99 52.69 -4.67
N ASP D 129 6.07 51.57 -5.37
CA ASP D 129 6.93 50.48 -4.92
C ASP D 129 8.40 50.82 -5.14
N ILE D 130 9.21 50.60 -4.11
CA ILE D 130 10.65 50.81 -4.22
C ILE D 130 11.26 49.58 -4.90
N CYS D 131 11.78 49.77 -6.10
CA CYS D 131 12.38 48.68 -6.86
C CYS D 131 13.89 48.70 -6.67
N GLU D 132 14.56 47.73 -7.29
CA GLU D 132 16.01 47.60 -7.22
C GLU D 132 16.57 47.54 -8.64
N ALA D 133 17.27 48.59 -9.04
CA ALA D 133 17.97 48.60 -10.31
C ALA D 133 19.31 47.88 -10.15
N VAL D 134 19.50 46.81 -10.92
CA VAL D 134 20.72 46.01 -10.85
C VAL D 134 21.63 46.39 -12.01
N PHE D 135 22.94 46.32 -11.77
CA PHE D 135 23.93 46.85 -12.69
C PHE D 135 24.87 45.75 -13.16
N TYR D 136 25.21 45.80 -14.44
CA TYR D 136 26.33 45.04 -14.99
C TYR D 136 27.33 46.04 -15.55
N ASN D 137 28.61 45.86 -15.21
CA ASN D 137 29.62 46.89 -15.38
C ASN D 137 29.17 48.13 -14.60
N ASP D 138 28.82 49.21 -15.31
CA ASP D 138 28.31 50.41 -14.67
C ASP D 138 27.04 50.89 -15.36
N LYS D 139 26.23 49.96 -15.87
CA LYS D 139 24.98 50.29 -16.54
C LYS D 139 23.87 49.38 -16.03
N VAL D 140 22.66 49.93 -15.94
CA VAL D 140 21.51 49.14 -15.52
C VAL D 140 21.16 48.12 -16.59
N ILE D 141 20.78 46.93 -16.16
CA ILE D 141 20.39 45.87 -17.09
C ILE D 141 18.99 45.34 -16.83
N SER D 142 18.41 45.58 -15.66
CA SER D 142 17.03 45.20 -15.37
C SER D 142 16.61 45.89 -14.07
N VAL D 143 15.37 45.63 -13.66
CA VAL D 143 14.81 46.14 -12.42
C VAL D 143 14.13 44.99 -11.71
N GLU D 144 14.33 44.91 -10.39
CA GLU D 144 13.75 43.85 -9.57
C GLU D 144 12.57 44.45 -8.79
N LEU D 145 11.37 43.98 -9.10
CA LEU D 145 10.20 44.40 -8.34
C LEU D 145 10.25 43.79 -6.94
N PRO D 146 9.60 44.42 -5.95
CA PRO D 146 9.48 43.79 -4.63
C PRO D 146 8.66 42.52 -4.72
N THR D 147 8.87 41.63 -3.75
CA THR D 147 8.22 40.33 -3.77
C THR D 147 6.69 40.45 -3.73
N THR D 148 6.18 41.52 -3.14
CA THR D 148 4.74 41.74 -3.05
C THR D 148 4.43 43.20 -3.32
N ILE D 149 3.48 43.45 -4.21
CA ILE D 149 3.01 44.79 -4.51
C ILE D 149 1.53 44.87 -4.16
N VAL D 150 0.99 46.09 -4.25
CA VAL D 150 -0.43 46.35 -4.04
C VAL D 150 -0.96 47.10 -5.25
N ARG D 151 -2.08 46.63 -5.79
CA ARG D 151 -2.68 47.25 -6.97
C ARG D 151 -4.19 47.38 -6.78
N GLN D 152 -4.75 48.42 -7.38
CA GLN D 152 -6.18 48.68 -7.32
C GLN D 152 -6.89 47.98 -8.48
N ILE D 153 -8.06 47.42 -8.20
CA ILE D 153 -8.86 46.76 -9.23
C ILE D 153 -9.68 47.83 -9.96
N ALA D 154 -9.43 47.98 -11.25
CA ALA D 154 -10.12 49.00 -12.03
C ALA D 154 -11.50 48.56 -12.47
N TYR D 155 -11.70 47.26 -12.72
CA TYR D 155 -12.99 46.77 -13.18
C TYR D 155 -13.09 45.29 -12.90
N THR D 156 -14.29 44.86 -12.49
CA THR D 156 -14.60 43.44 -12.33
C THR D 156 -16.12 43.30 -12.31
N GLU D 157 -16.57 42.06 -12.51
CA GLU D 157 -17.99 41.76 -12.57
C GLU D 157 -18.37 40.80 -11.45
N PRO D 158 -19.46 41.07 -10.71
CA PRO D 158 -19.91 40.25 -9.58
C PRO D 158 -20.13 38.78 -9.93
N MSE D 169 -13.26 31.95 -8.25
CA MSE D 169 -12.57 33.19 -8.63
C MSE D 169 -13.17 33.80 -9.89
O MSE D 169 -14.08 33.23 -10.50
CB MSE D 169 -11.08 32.92 -8.84
CG MSE D 169 -10.34 32.52 -7.57
SE MSE D 169 -8.41 32.57 -7.82
CE MSE D 169 -8.26 31.35 -9.34
N LYS D 170 -12.66 34.97 -10.28
CA LYS D 170 -13.18 35.69 -11.42
C LYS D 170 -12.08 36.55 -12.03
N THR D 171 -12.38 37.14 -13.17
CA THR D 171 -11.43 37.97 -13.90
C THR D 171 -11.57 39.43 -13.47
N ALA D 172 -10.44 40.14 -13.45
CA ALA D 172 -10.42 41.54 -13.06
C ALA D 172 -9.37 42.27 -13.87
N ARG D 173 -9.54 43.59 -13.93
CA ARG D 173 -8.62 44.48 -14.63
C ARG D 173 -8.00 45.46 -13.64
N LEU D 174 -6.68 45.65 -13.75
CA LEU D 174 -5.98 46.63 -12.95
C LEU D 174 -6.02 47.99 -13.66
N ASN D 175 -5.45 49.01 -13.01
CA ASN D 175 -5.46 50.35 -13.60
C ASN D 175 -4.70 50.40 -14.91
N ASN D 176 -3.61 49.64 -15.04
CA ASN D 176 -2.85 49.62 -16.27
C ASN D 176 -3.45 48.69 -17.33
N GLY D 177 -4.61 48.10 -17.07
CA GLY D 177 -5.25 47.22 -18.02
C GLY D 177 -4.83 45.77 -17.95
N ALA D 178 -4.02 45.39 -16.96
CA ALA D 178 -3.55 44.02 -16.85
C ALA D 178 -4.69 43.10 -16.44
N GLU D 179 -4.84 41.98 -17.15
CA GLU D 179 -5.88 41.01 -16.85
C GLU D 179 -5.39 40.06 -15.76
N LEU D 180 -6.21 39.85 -14.74
CA LEU D 180 -5.79 39.14 -13.55
C LEU D 180 -6.96 38.36 -12.97
N GLN D 181 -6.66 37.16 -12.45
CA GLN D 181 -7.66 36.33 -11.80
C GLN D 181 -7.66 36.65 -10.31
N VAL D 182 -8.78 37.20 -9.83
CA VAL D 182 -8.94 37.56 -8.43
C VAL D 182 -10.08 36.73 -7.84
N SER D 183 -10.20 36.78 -6.52
CA SER D 183 -11.28 36.09 -5.85
C SER D 183 -12.62 36.77 -6.14
N ALA D 184 -13.71 36.00 -6.00
CA ALA D 184 -15.03 36.52 -6.33
C ALA D 184 -15.50 37.58 -5.34
N PHE D 185 -14.84 37.70 -4.18
CA PHE D 185 -15.23 38.70 -3.19
C PHE D 185 -14.81 40.11 -3.59
N CYS D 186 -13.86 40.24 -4.51
CA CYS D 186 -13.35 41.55 -4.88
C CYS D 186 -14.38 42.33 -5.69
N GLU D 187 -14.30 43.66 -5.60
CA GLU D 187 -15.19 44.55 -6.33
C GLU D 187 -14.36 45.70 -6.88
N ILE D 188 -15.02 46.57 -7.65
CA ILE D 188 -14.34 47.71 -8.26
C ILE D 188 -13.87 48.66 -7.17
N GLY D 189 -12.58 49.01 -7.21
CA GLY D 189 -11.99 49.90 -6.23
C GLY D 189 -11.21 49.21 -5.13
N ASP D 190 -11.42 47.91 -4.94
CA ASP D 190 -10.70 47.18 -3.91
C ASP D 190 -9.24 47.01 -4.32
N SER D 191 -8.32 47.27 -3.38
CA SER D 191 -6.91 47.03 -3.59
C SER D 191 -6.55 45.62 -3.13
N ILE D 192 -5.67 44.97 -3.87
CA ILE D 192 -5.23 43.62 -3.57
C ILE D 192 -3.71 43.57 -3.62
N GLU D 193 -3.13 42.66 -2.85
CA GLU D 193 -1.70 42.42 -2.91
C GLU D 193 -1.38 41.35 -3.94
N ILE D 194 -0.31 41.57 -4.70
CA ILE D 194 0.08 40.69 -5.79
C ILE D 194 1.52 40.23 -5.55
N ASP D 195 1.72 38.92 -5.57
CA ASP D 195 3.06 38.36 -5.52
C ASP D 195 3.69 38.45 -6.91
N THR D 196 4.81 39.19 -7.02
CA THR D 196 5.34 39.51 -8.33
C THR D 196 6.05 38.31 -8.97
N ARG D 197 6.59 37.40 -8.17
CA ARG D 197 7.23 36.22 -8.75
C ARG D 197 6.24 35.37 -9.52
N THR D 198 5.04 35.18 -8.97
CA THR D 198 4.02 34.38 -9.62
C THR D 198 2.98 35.21 -10.38
N GLY D 199 2.88 36.50 -10.10
CA GLY D 199 1.91 37.35 -10.77
C GLY D 199 0.47 37.09 -10.41
N GLU D 200 0.21 36.26 -9.41
CA GLU D 200 -1.14 35.83 -9.07
C GLU D 200 -1.67 36.61 -7.86
N TYR D 201 -3.00 36.67 -7.78
CA TYR D 201 -3.65 37.27 -6.64
C TYR D 201 -3.33 36.49 -5.37
N LYS D 202 -2.95 37.21 -4.31
CA LYS D 202 -2.66 36.59 -3.02
C LYS D 202 -3.78 36.81 -2.02
N SER D 203 -4.20 38.05 -1.81
CA SER D 203 -5.27 38.38 -0.88
C SER D 203 -5.66 39.84 -1.11
N ARG D 204 -6.87 40.18 -0.67
CA ARG D 204 -7.34 41.56 -0.74
C ARG D 204 -6.96 42.28 0.55
N VAL D 205 -6.47 43.51 0.41
CA VAL D 205 -6.07 44.29 1.57
C VAL D 205 -7.31 44.73 2.34
N LYS D 206 -7.15 44.84 3.67
CA LYS D 206 -8.27 45.21 4.53
C LYS D 206 -8.48 46.71 4.51
N ALA D 207 -9.74 47.12 4.40
CA ALA D 207 -10.10 48.53 4.40
C ALA D 207 -11.23 48.80 5.38
PA TYD E . 6.14 -8.94 13.03
O1A TYD E . 7.40 -9.69 12.69
O2A TYD E . 5.04 -9.93 13.34
O3A TYD E . 6.41 -8.00 14.36
PB TYD E . 5.46 -6.73 14.81
O1B TYD E . 5.64 -5.58 13.87
O2B TYD E . 4.01 -7.17 14.80
O3B TYD E . 5.84 -6.32 16.21
O5' TYD E . 5.68 -8.01 11.76
C5' TYD E . 6.64 -7.11 11.17
C4' TYD E . 6.39 -7.05 9.67
O4' TYD E . 7.02 -6.06 9.15
C3' TYD E . 6.97 -8.42 8.95
O3' TYD E . 5.90 -9.00 8.13
C2' TYD E . 7.94 -8.09 8.25
C1' TYD E . 7.64 -6.60 7.88
N1 TYD E . 8.74 -5.87 7.57
C2 TYD E . 8.90 -5.40 6.31
O2 TYD E . 8.07 -5.63 5.45
N3 TYD E . 10.01 -4.65 5.99
C4 TYD E . 10.93 -4.39 6.91
O4 TYD E . 11.90 -3.72 6.63
C5 TYD E . 10.77 -4.85 8.17
C5M TYD E . 11.85 -4.54 9.26
C6 TYD E . 9.66 -5.60 8.50
C1 GOL F . 1.70 -10.49 17.66
O1 GOL F . 1.84 -10.70 19.03
C2 GOL F . 2.77 -9.45 17.24
O2 GOL F . 3.09 -9.55 15.89
C3 GOL F . 2.12 -8.07 17.59
O3 GOL F . 3.12 -7.10 17.52
PA TYD G . -3.38 5.59 -19.46
O1A TYD G . -4.48 5.51 -20.48
O2A TYD G . -2.55 6.81 -19.72
O3A TYD G . -4.05 5.70 -17.97
PB TYD G . -3.20 5.48 -16.57
O1B TYD G . -4.02 6.07 -15.45
O2B TYD G . -2.97 4.00 -16.33
O3B TYD G . -1.88 6.19 -16.65
O5' TYD G . -2.46 4.23 -19.53
C5' TYD G . -3.12 2.95 -19.44
C4' TYD G . -2.43 1.96 -20.39
O4' TYD G . -2.82 0.77 -20.17
C3' TYD G . -2.80 2.33 -21.95
O3' TYD G . -1.55 2.34 -22.72
C2' TYD G . -3.56 1.43 -22.36
C1' TYD G . -3.12 0.19 -21.52
N1 TYD G . -4.07 -0.79 -21.43
C2 TYD G . -3.83 -2.00 -21.99
O2 TYD G . -2.79 -2.18 -22.57
N3 TYD G . -4.75 -3.01 -21.90
C4 TYD G . -5.90 -2.81 -21.26
O4 TYD G . -6.70 -3.70 -21.18
C5 TYD G . -6.15 -1.59 -20.69
C5M TYD G . -7.50 -1.36 -19.93
C6 TYD G . -5.22 -0.58 -20.77
C1 GOL H . -1.37 9.64 -17.21
O1 GOL H . -1.28 8.32 -17.64
C2 GOL H . -1.75 9.64 -15.71
O2 GOL H . -1.34 8.47 -15.07
C3 GOL H . -1.08 10.90 -15.13
O3 GOL H . -1.51 11.98 -15.90
#